data_6QVG
#
_entry.id   6QVG
#
_cell.length_a   158.807
_cell.length_b   158.807
_cell.length_c   208.257
_cell.angle_alpha   90.00
_cell.angle_beta   90.00
_cell.angle_gamma   120.00
#
_symmetry.space_group_name_H-M   'P 65 2 2'
#
loop_
_entity.id
_entity.type
_entity.pdbx_description
1 polymer 'Serine hydroxymethyltransferase, mitochondrial'
2 non-polymer GLYCINE
3 non-polymer DI(HYDROXYETHYL)ETHER
4 non-polymer 'SODIUM ION'
5 non-polymer GLYCEROL
6 non-polymer '5,10-DIDEAZATETRAHYDROFOLIC ACID'
7 non-polymer "PYRIDOXAL-5'-PHOSPHATE"
8 non-polymer 'ACETATE ION'
9 water water
#
_entity_poly.entity_id   1
_entity_poly.type   'polypeptide(L)'
_entity_poly.pdbx_seq_one_letter_code
;MLYFSLFWAARPLQRCGQLVRMAIRAQHSNAAQTQTGEANRGWTGQESLSDSDPEMWELLQREKDRQCRGLELIASENFC
SRAALEALGSCLNNKYSEGYPGKRYYGGAEVVDEIELLCQRRALEAFDLDPAQWGVNVQPYSGSPANLAVYTALLQPHDR
IMGLDLPDGGHLTHGYMSDVKRISATSIFFESMPYKLNPKTGLIDYNQLALTARLFRPRLIIAGTSAYARLIDYARMREV
CDEVKAHLLADMAHISGLVAAKVIPSPFKHADIVTTTTHKTLRGARSGLIFYRKGVKAVDPKTGREIPYTFEDRINFAVF
PSLQGGPHNHAIAAVAVALKQACTPMFREYSLQVLKNARAMADALLERGYSLVSGGTDNHLVLVDLRPKGLDGARAERVL
ELVSITANKNTCPGDRSAITPGGLRLGAPALTSRQFREDDFRRVVDFIDEGVNIGLEVKSKTAKLQDFKSFLLKDSETSQ
RLANLRQRVEQFARAFPMPGFDEH
;
_entity_poly.pdbx_strand_id   A,B
#
# COMPACT_ATOMS: atom_id res chain seq x y z
N TRP A 43 -23.93 18.18 -4.18
CA TRP A 43 -22.75 17.26 -4.24
C TRP A 43 -23.21 15.80 -4.13
N THR A 44 -22.89 15.01 -5.15
CA THR A 44 -23.22 13.59 -5.21
C THR A 44 -22.01 12.65 -5.10
N GLY A 45 -20.80 13.18 -5.30
CA GLY A 45 -19.63 12.35 -5.52
C GLY A 45 -19.70 11.48 -6.78
N GLN A 46 -20.50 11.92 -7.76
CA GLN A 46 -20.58 11.29 -9.08
C GLN A 46 -20.10 12.24 -10.17
N GLU A 47 -19.58 13.40 -9.77
CA GLU A 47 -19.07 14.40 -10.71
C GLU A 47 -17.72 13.92 -11.23
N SER A 48 -17.38 14.31 -12.45
CA SER A 48 -16.12 13.88 -13.05
C SER A 48 -14.95 14.65 -12.43
N LEU A 49 -13.76 14.09 -12.59
CA LEU A 49 -12.53 14.74 -12.14
C LEU A 49 -12.23 16.04 -12.89
N SER A 50 -12.39 16.05 -14.22
CA SER A 50 -12.11 17.29 -15.01
C SER A 50 -13.00 18.48 -14.59
N ASP A 51 -14.27 18.19 -14.31
CA ASP A 51 -15.18 19.21 -13.79
C ASP A 51 -14.81 19.64 -12.37
N SER A 52 -14.73 18.68 -11.45
CA SER A 52 -14.64 18.98 -10.01
C SER A 52 -13.26 19.39 -9.48
N ASP A 53 -12.18 18.93 -10.11
CA ASP A 53 -10.83 19.32 -9.70
C ASP A 53 -9.97 19.50 -10.94
N PRO A 54 -10.05 20.69 -11.57
CA PRO A 54 -9.30 20.94 -12.81
C PRO A 54 -7.78 21.02 -12.62
N GLU A 55 -7.33 21.49 -11.46
CA GLU A 55 -5.89 21.51 -11.14
C GLU A 55 -5.28 20.12 -11.20
N MET A 56 -5.96 19.14 -10.59
CA MET A 56 -5.47 17.77 -10.59
C MET A 56 -5.61 17.11 -11.98
N TRP A 57 -6.74 17.32 -12.64
CA TRP A 57 -6.95 16.79 -13.99
C TRP A 57 -5.92 17.30 -15.00
N GLU A 58 -5.49 18.55 -14.87
CA GLU A 58 -4.42 19.10 -15.73
C GLU A 58 -3.08 18.41 -15.47
N LEU A 59 -2.79 18.09 -14.20
CA LEU A 59 -1.56 17.37 -13.82
C LEU A 59 -1.57 15.93 -14.30
N LEU A 60 -2.72 15.26 -14.24
CA LEU A 60 -2.84 13.90 -14.82
C LEU A 60 -2.54 13.90 -16.30
N GLN A 61 -3.05 14.91 -16.99
CA GLN A 61 -2.87 15.03 -18.43
C GLN A 61 -1.42 15.32 -18.82
N ARG A 62 -0.70 16.08 -18.00
CA ARG A 62 0.74 16.30 -18.22
C ARG A 62 1.55 15.03 -18.07
N GLU A 63 1.22 14.24 -17.05
CA GLU A 63 1.95 13.00 -16.79
C GLU A 63 1.68 12.03 -17.94
N LYS A 64 0.43 11.97 -18.39
CA LYS A 64 0.09 11.12 -19.52
C LYS A 64 0.90 11.49 -20.78
N ASP A 65 0.98 12.79 -21.08
CA ASP A 65 1.78 13.27 -22.21
C ASP A 65 3.27 12.95 -22.06
N ARG A 66 3.80 13.13 -20.86
CA ARG A 66 5.21 12.81 -20.54
C ARG A 66 5.52 11.33 -20.79
N GLN A 67 4.60 10.43 -20.39
CA GLN A 67 4.75 9.01 -20.66
C GLN A 67 4.67 8.70 -22.16
N CYS A 68 3.74 9.32 -22.85
CA CYS A 68 3.57 9.13 -24.25
C CYS A 68 4.72 9.62 -25.11
N ARG A 69 5.38 10.68 -24.69
CA ARG A 69 6.46 11.25 -25.46
C ARG A 69 7.87 10.84 -25.09
N GLY A 70 8.02 10.04 -24.07
CA GLY A 70 9.32 9.66 -23.63
C GLY A 70 9.70 8.27 -23.99
N LEU A 71 10.97 8.02 -23.89
CA LEU A 71 11.52 6.72 -24.12
C LEU A 71 11.79 6.26 -22.72
N GLU A 72 10.94 5.38 -22.23
CA GLU A 72 10.95 4.91 -20.87
C GLU A 72 11.87 3.68 -20.77
N LEU A 73 13.09 3.91 -20.26
CA LEU A 73 14.07 2.85 -20.13
C LEU A 73 14.36 2.40 -18.69
N ILE A 74 13.56 2.85 -17.73
CA ILE A 74 13.72 2.37 -16.36
C ILE A 74 13.15 0.96 -16.30
N ALA A 75 14.02 0.01 -15.95
CA ALA A 75 13.74 -1.40 -16.10
C ALA A 75 12.65 -1.91 -15.19
N SER A 76 12.38 -1.18 -14.11
CA SER A 76 11.24 -1.48 -13.24
C SER A 76 9.91 -0.90 -13.72
N GLU A 77 9.91 -0.08 -14.79
CA GLU A 77 8.66 0.54 -15.29
C GLU A 77 7.94 -0.30 -16.30
N ASN A 78 6.64 -0.11 -16.33
CA ASN A 78 5.79 -0.68 -17.37
C ASN A 78 4.54 0.18 -17.50
N PHE A 79 3.70 -0.14 -18.48
CA PHE A 79 2.45 0.61 -18.71
C PHE A 79 1.28 -0.33 -18.51
N CYS A 80 0.52 -0.02 -17.47
CA CYS A 80 -0.58 -0.85 -16.99
C CYS A 80 -1.77 -0.77 -17.95
N SER A 81 -2.37 -1.92 -18.26
CA SER A 81 -3.54 -1.99 -19.11
C SER A 81 -4.73 -1.22 -18.55
N ARG A 82 -5.57 -0.76 -19.46
CA ARG A 82 -6.77 -0.03 -19.11
C ARG A 82 -7.73 -0.90 -18.29
N ALA A 83 -7.92 -2.14 -18.71
CA ALA A 83 -8.77 -3.10 -18.02
C ALA A 83 -8.41 -3.20 -16.54
N ALA A 84 -7.12 -3.28 -16.26
CA ALA A 84 -6.61 -3.36 -14.90
C ALA A 84 -6.84 -2.04 -14.15
N LEU A 85 -6.56 -0.91 -14.79
CA LEU A 85 -6.82 0.40 -14.16
C LEU A 85 -8.31 0.64 -13.87
N GLU A 86 -9.21 0.05 -14.66
CA GLU A 86 -10.65 0.18 -14.36
C GLU A 86 -10.99 -0.53 -13.03
N ALA A 87 -10.39 -1.69 -12.78
CA ALA A 87 -10.50 -2.35 -11.47
C ALA A 87 -9.88 -1.53 -10.33
N LEU A 88 -8.74 -0.92 -10.61
CA LEU A 88 -8.01 -0.14 -9.60
C LEU A 88 -8.80 1.09 -9.11
N GLY A 89 -9.40 1.80 -10.04
CA GLY A 89 -10.23 2.98 -9.72
C GLY A 89 -11.68 2.55 -9.73
N SER A 90 -12.07 1.82 -8.68
CA SER A 90 -13.38 1.22 -8.61
C SER A 90 -13.94 1.28 -7.19
N CYS A 91 -15.17 0.76 -7.05
CA CYS A 91 -15.89 0.74 -5.79
C CYS A 91 -15.30 -0.26 -4.81
N LEU A 92 -14.40 -1.15 -5.27
CA LEU A 92 -13.63 -2.01 -4.38
C LEU A 92 -12.73 -1.26 -3.39
N ASN A 93 -12.37 -0.02 -3.71
CA ASN A 93 -11.78 0.90 -2.71
C ASN A 93 -12.63 1.03 -1.44
N ASN A 94 -13.96 0.92 -1.58
CA ASN A 94 -14.90 1.22 -0.51
C ASN A 94 -15.10 0.11 0.51
N LYS A 95 -14.54 -1.09 0.31
CA LYS A 95 -14.81 -2.23 1.19
C LYS A 95 -13.64 -2.62 2.11
N TYR A 96 -13.88 -2.57 3.43
CA TYR A 96 -12.95 -3.10 4.46
C TYR A 96 -13.19 -4.59 4.56
N SER A 97 -12.14 -5.39 4.40
CA SER A 97 -12.24 -6.85 4.46
C SER A 97 -11.05 -7.47 5.19
N GLU A 98 -10.71 -6.91 6.35
CA GLU A 98 -9.63 -7.44 7.19
C GLU A 98 -9.83 -8.92 7.44
N GLY A 99 -8.75 -9.69 7.37
CA GLY A 99 -8.84 -11.14 7.44
C GLY A 99 -8.62 -11.75 6.08
N TYR A 100 -9.22 -12.92 5.87
CA TYR A 100 -9.02 -13.71 4.66
C TYR A 100 -10.38 -14.29 4.21
N PRO A 101 -10.48 -14.79 2.96
CA PRO A 101 -11.72 -15.37 2.47
C PRO A 101 -12.33 -16.41 3.41
N GLY A 102 -13.61 -16.23 3.76
CA GLY A 102 -14.31 -17.10 4.69
C GLY A 102 -13.91 -16.94 6.15
N LYS A 103 -12.99 -16.01 6.44
CA LYS A 103 -12.44 -15.83 7.79
C LYS A 103 -12.16 -14.33 7.99
N ARG A 104 -13.19 -13.53 7.75
CA ARG A 104 -13.14 -12.08 7.89
C ARG A 104 -13.60 -11.71 9.28
N TYR A 105 -13.25 -10.51 9.70
CA TYR A 105 -13.65 -10.03 11.02
C TYR A 105 -15.03 -9.39 11.03
N TYR A 106 -15.60 -9.12 9.85
CA TYR A 106 -16.99 -8.65 9.72
C TYR A 106 -17.59 -9.08 8.37
N GLY A 107 -18.89 -8.80 8.20
CA GLY A 107 -19.64 -9.29 7.04
C GLY A 107 -19.59 -8.40 5.82
N GLY A 108 -20.35 -8.81 4.80
CA GLY A 108 -20.50 -8.04 3.57
C GLY A 108 -19.42 -8.34 2.54
N ALA A 109 -18.71 -9.45 2.73
CA ALA A 109 -17.52 -9.74 1.97
C ALA A 109 -17.71 -10.89 0.96
N GLU A 110 -18.96 -11.22 0.59
CA GLU A 110 -19.24 -12.38 -0.31
C GLU A 110 -18.50 -12.27 -1.63
N VAL A 111 -18.54 -11.07 -2.22
CA VAL A 111 -17.98 -10.80 -3.55
C VAL A 111 -16.46 -10.56 -3.45
N VAL A 112 -16.05 -9.80 -2.43
CA VAL A 112 -14.63 -9.57 -2.16
C VAL A 112 -13.87 -10.89 -1.86
N ASP A 113 -14.50 -11.83 -1.15
CA ASP A 113 -13.95 -13.20 -0.98
C ASP A 113 -13.74 -13.86 -2.33
N GLU A 114 -14.74 -13.76 -3.20
CA GLU A 114 -14.65 -14.34 -4.55
C GLU A 114 -13.52 -13.72 -5.36
N ILE A 115 -13.35 -12.40 -5.27
CA ILE A 115 -12.27 -11.70 -5.99
C ILE A 115 -10.90 -12.13 -5.46
N GLU A 116 -10.74 -12.09 -4.15
CA GLU A 116 -9.48 -12.50 -3.53
C GLU A 116 -9.16 -13.95 -3.89
N LEU A 117 -10.14 -14.83 -3.73
CA LEU A 117 -9.93 -16.24 -4.10
C LEU A 117 -9.60 -16.42 -5.59
N LEU A 118 -10.27 -15.65 -6.44
CA LEU A 118 -9.99 -15.64 -7.88
C LEU A 118 -8.57 -15.16 -8.17
N CYS A 119 -8.16 -14.10 -7.48
CA CYS A 119 -6.81 -13.60 -7.62
C CYS A 119 -5.77 -14.67 -7.27
N GLN A 120 -6.01 -15.39 -6.18
CA GLN A 120 -5.13 -16.49 -5.80
C GLN A 120 -5.06 -17.58 -6.87
N ARG A 121 -6.21 -17.97 -7.42
CA ARG A 121 -6.23 -19.03 -8.45
C ARG A 121 -5.42 -18.63 -9.65
N ARG A 122 -5.62 -17.39 -10.11
CA ARG A 122 -4.90 -16.87 -11.28
C ARG A 122 -3.41 -16.68 -11.05
N ALA A 123 -3.04 -16.38 -9.80
CA ALA A 123 -1.63 -16.25 -9.42
C ALA A 123 -0.96 -17.62 -9.55
N LEU A 124 -1.62 -18.66 -9.03
CA LEU A 124 -1.05 -19.99 -9.09
C LEU A 124 -1.02 -20.52 -10.53
N GLU A 125 -2.06 -20.20 -11.31
CA GLU A 125 -2.08 -20.46 -12.76
C GLU A 125 -0.97 -19.80 -13.56
N ALA A 126 -0.73 -18.52 -13.33
CA ALA A 126 0.28 -17.76 -14.08
C ALA A 126 1.69 -18.34 -13.95
N PHE A 127 1.98 -18.87 -12.77
CA PHE A 127 3.28 -19.43 -12.48
C PHE A 127 3.28 -20.97 -12.44
N ASP A 128 2.15 -21.56 -12.89
CA ASP A 128 2.02 -23.02 -13.14
C ASP A 128 2.27 -23.84 -11.89
N LEU A 129 1.60 -23.44 -10.81
CA LEU A 129 1.79 -24.01 -9.50
C LEU A 129 0.61 -24.89 -9.16
N ASP A 130 0.89 -26.02 -8.53
CA ASP A 130 -0.12 -26.94 -8.05
C ASP A 130 -0.65 -26.38 -6.72
N PRO A 131 -1.97 -26.15 -6.60
CA PRO A 131 -2.54 -25.67 -5.30
C PRO A 131 -2.27 -26.57 -4.06
N ALA A 132 -2.05 -27.86 -4.28
CA ALA A 132 -1.64 -28.78 -3.23
C ALA A 132 -0.21 -28.47 -2.72
N GLN A 133 0.66 -27.99 -3.62
CA GLN A 133 2.07 -27.71 -3.28
C GLN A 133 2.40 -26.24 -2.97
N TRP A 134 1.58 -25.30 -3.45
CA TRP A 134 1.82 -23.87 -3.28
C TRP A 134 0.54 -23.13 -2.88
N GLY A 135 0.69 -22.15 -2.00
CA GLY A 135 -0.36 -21.17 -1.74
C GLY A 135 0.21 -19.79 -1.99
N VAL A 136 -0.66 -18.78 -1.92
CA VAL A 136 -0.31 -17.40 -2.27
C VAL A 136 -1.13 -16.41 -1.45
N ASN A 137 -0.46 -15.38 -0.96
CA ASN A 137 -1.12 -14.29 -0.26
C ASN A 137 -1.11 -13.09 -1.18
N VAL A 138 -2.29 -12.50 -1.43
CA VAL A 138 -2.47 -11.45 -2.43
C VAL A 138 -2.67 -10.05 -1.83
N GLN A 139 -2.53 -9.92 -0.52
CA GLN A 139 -2.76 -8.62 0.15
C GLN A 139 -1.57 -7.69 0.33
N PRO A 140 -0.31 -8.16 0.17
CA PRO A 140 0.76 -7.19 0.41
C PRO A 140 0.54 -5.89 -0.36
N TYR A 141 0.68 -4.75 0.32
CA TYR A 141 0.45 -3.45 -0.31
C TYR A 141 1.43 -3.13 -1.45
N SER A 142 2.61 -3.72 -1.44
CA SER A 142 3.60 -3.51 -2.51
C SER A 142 4.67 -4.59 -2.37
N GLY A 143 5.76 -4.48 -3.13
CA GLY A 143 6.86 -5.42 -3.03
C GLY A 143 7.58 -5.35 -1.69
N SER A 144 7.87 -4.14 -1.22
CA SER A 144 8.58 -3.96 0.02
C SER A 144 7.80 -4.51 1.24
N PRO A 145 6.47 -4.25 1.30
CA PRO A 145 5.66 -4.93 2.31
C PRO A 145 5.67 -6.44 2.22
N ALA A 146 5.69 -6.98 1.01
CA ALA A 146 5.73 -8.43 0.83
C ALA A 146 6.97 -9.02 1.49
N ASN A 147 8.12 -8.36 1.32
CA ASN A 147 9.38 -8.86 1.87
C ASN A 147 9.41 -8.74 3.41
N LEU A 148 8.99 -7.61 3.96
CA LEU A 148 8.95 -7.44 5.42
C LEU A 148 8.04 -8.47 6.06
N ALA A 149 6.89 -8.74 5.43
CA ALA A 149 5.96 -9.76 5.92
C ALA A 149 6.56 -11.16 5.95
N VAL A 150 7.32 -11.51 4.91
CA VAL A 150 8.03 -12.80 4.93
C VAL A 150 9.01 -12.83 6.10
N TYR A 151 9.78 -11.76 6.26
CA TYR A 151 10.74 -11.73 7.33
C TYR A 151 10.04 -11.84 8.69
N THR A 152 8.93 -11.14 8.92
CA THR A 152 8.34 -11.19 10.27
C THR A 152 7.59 -12.51 10.49
N ALA A 153 7.18 -13.18 9.42
CA ALA A 153 6.58 -14.51 9.53
C ALA A 153 7.58 -15.57 9.98
N LEU A 154 8.78 -15.55 9.39
CA LEU A 154 9.72 -16.66 9.56
C LEU A 154 10.87 -16.42 10.51
N LEU A 155 11.16 -15.16 10.83
CA LEU A 155 12.30 -14.81 11.67
C LEU A 155 11.89 -14.06 12.94
N GLN A 156 12.68 -14.22 13.98
CA GLN A 156 12.59 -13.39 15.18
C GLN A 156 13.33 -12.10 14.95
N PRO A 157 12.99 -11.04 15.70
CA PRO A 157 13.82 -9.86 15.60
C PRO A 157 15.31 -10.19 15.81
N HIS A 158 16.15 -9.51 15.05
CA HIS A 158 17.60 -9.67 15.05
C HIS A 158 18.13 -10.98 14.47
N ASP A 159 17.26 -11.82 13.91
CA ASP A 159 17.72 -13.00 13.18
C ASP A 159 18.42 -12.56 11.90
N ARG A 160 19.19 -13.48 11.32
CA ARG A 160 20.14 -13.13 10.25
C ARG A 160 19.63 -13.34 8.84
N ILE A 161 19.92 -12.36 7.98
CA ILE A 161 19.53 -12.34 6.58
C ILE A 161 20.71 -11.98 5.69
N MET A 162 20.79 -12.63 4.53
CA MET A 162 21.76 -12.28 3.50
C MET A 162 21.09 -12.03 2.15
N GLY A 163 21.48 -10.93 1.52
CA GLY A 163 21.00 -10.57 0.19
C GLY A 163 22.11 -9.89 -0.58
N LEU A 164 21.88 -9.74 -1.89
CA LEU A 164 22.87 -9.10 -2.76
C LEU A 164 23.02 -7.68 -2.28
N ASP A 165 24.25 -7.22 -2.08
CA ASP A 165 24.50 -5.84 -1.65
C ASP A 165 23.79 -4.88 -2.62
N LEU A 166 23.31 -3.75 -2.10
CA LEU A 166 22.56 -2.77 -2.89
C LEU A 166 23.37 -2.29 -4.12
N PRO A 167 24.61 -1.77 -3.93
CA PRO A 167 25.37 -1.32 -5.11
C PRO A 167 25.81 -2.45 -6.06
N ASP A 168 25.80 -3.69 -5.61
CA ASP A 168 26.00 -4.85 -6.51
C ASP A 168 24.73 -5.30 -7.27
N GLY A 169 23.60 -4.64 -7.02
CA GLY A 169 22.34 -4.95 -7.73
C GLY A 169 21.20 -5.53 -6.90
N GLY A 170 21.34 -5.59 -5.57
CA GLY A 170 20.22 -6.03 -4.72
C GLY A 170 19.25 -4.90 -4.44
N HIS A 171 18.18 -5.21 -3.70
CA HIS A 171 17.16 -4.23 -3.32
C HIS A 171 17.33 -3.81 -1.87
N LEU A 172 16.97 -2.56 -1.55
CA LEU A 172 16.93 -2.04 -0.18
C LEU A 172 16.36 -3.01 0.85
N THR A 173 15.27 -3.69 0.51
CA THR A 173 14.58 -4.62 1.41
C THR A 173 15.29 -5.95 1.63
N HIS A 174 16.40 -6.18 0.93
CA HIS A 174 17.23 -7.36 1.19
C HIS A 174 18.27 -7.08 2.28
N GLY A 175 18.27 -5.86 2.81
CA GLY A 175 19.15 -5.44 3.88
C GLY A 175 20.07 -4.43 3.28
N TYR A 176 20.22 -3.29 3.93
CA TYR A 176 21.18 -2.33 3.48
C TYR A 176 21.62 -1.44 4.62
N MET A 177 22.92 -1.43 4.87
CA MET A 177 23.53 -0.51 5.83
C MET A 177 24.73 0.11 5.15
N SER A 178 24.93 1.39 5.38
CA SER A 178 26.17 2.05 5.01
C SER A 178 27.18 1.78 6.12
N ASP A 179 28.39 2.33 5.96
CA ASP A 179 29.37 2.40 7.05
C ASP A 179 28.83 3.19 8.24
N VAL A 180 28.02 4.19 7.95
CA VAL A 180 27.60 5.18 8.93
C VAL A 180 26.29 4.78 9.62
N LYS A 181 25.35 4.13 8.90
CA LYS A 181 24.07 3.75 9.53
C LYS A 181 23.22 2.69 8.84
N ARG A 182 22.20 2.25 9.57
CA ARG A 182 21.18 1.33 9.08
C ARG A 182 20.16 2.14 8.28
N ILE A 183 19.82 1.62 7.10
CA ILE A 183 19.06 2.35 6.09
C ILE A 183 17.75 1.65 5.84
N SER A 184 17.81 0.41 5.41
CA SER A 184 16.61 -0.40 5.29
C SER A 184 16.11 -0.85 6.65
N ALA A 185 14.79 -0.82 6.83
CA ALA A 185 14.17 -1.39 8.04
C ALA A 185 14.51 -2.85 8.16
N THR A 186 14.78 -3.51 7.04
CA THR A 186 15.25 -4.88 7.04
C THR A 186 16.52 -5.04 7.90
N SER A 187 17.40 -4.06 7.87
CA SER A 187 18.63 -4.02 8.67
C SER A 187 18.49 -3.45 10.09
N ILE A 188 17.28 -3.02 10.47
CA ILE A 188 17.03 -2.48 11.81
C ILE A 188 16.41 -3.57 12.68
N PHE A 189 15.35 -4.17 12.15
CA PHE A 189 14.63 -5.24 12.82
C PHE A 189 15.29 -6.57 12.64
N PHE A 190 16.18 -6.70 11.64
CA PHE A 190 16.91 -7.94 11.44
C PHE A 190 18.38 -7.64 11.19
N GLU A 191 19.17 -8.70 11.18
CA GLU A 191 20.62 -8.57 11.05
C GLU A 191 21.06 -9.03 9.66
N SER A 192 21.42 -8.03 8.88
CA SER A 192 21.70 -8.17 7.47
C SER A 192 23.22 -8.24 7.27
N MET A 193 23.66 -9.20 6.47
CA MET A 193 25.00 -9.20 5.88
C MET A 193 24.89 -9.44 4.37
N PRO A 194 25.48 -8.55 3.56
CA PRO A 194 25.33 -8.74 2.12
C PRO A 194 26.30 -9.78 1.55
N TYR A 195 25.95 -10.29 0.36
CA TYR A 195 26.88 -11.00 -0.51
C TYR A 195 27.07 -10.20 -1.79
N LYS A 196 28.07 -10.58 -2.56
CA LYS A 196 28.61 -9.69 -3.57
C LYS A 196 28.80 -10.35 -4.92
N LEU A 197 28.97 -9.47 -5.91
CA LEU A 197 29.41 -9.89 -7.25
C LEU A 197 30.90 -10.21 -7.22
N ASN A 198 31.32 -11.00 -8.21
CA ASN A 198 32.74 -11.10 -8.59
C ASN A 198 32.90 -10.02 -9.64
N PRO A 199 33.66 -8.96 -9.34
CA PRO A 199 33.86 -7.93 -10.35
C PRO A 199 34.51 -8.43 -11.67
N LYS A 200 35.31 -9.49 -11.61
CA LYS A 200 35.94 -10.06 -12.80
C LYS A 200 34.89 -10.46 -13.85
N THR A 201 33.82 -11.12 -13.41
CA THR A 201 32.77 -11.62 -14.30
C THR A 201 31.47 -10.81 -14.34
N GLY A 202 31.30 -9.86 -13.42
CA GLY A 202 30.00 -9.22 -13.18
C GLY A 202 28.87 -10.13 -12.66
N LEU A 203 29.18 -11.37 -12.30
CA LEU A 203 28.18 -12.32 -11.84
C LEU A 203 28.22 -12.38 -10.30
N ILE A 204 27.17 -12.97 -9.73
CA ILE A 204 27.10 -13.25 -8.31
C ILE A 204 28.18 -14.26 -7.99
N ASP A 205 28.95 -13.95 -6.95
CA ASP A 205 30.00 -14.84 -6.47
C ASP A 205 29.40 -15.90 -5.55
N TYR A 206 28.81 -16.91 -6.16
CA TYR A 206 28.18 -17.99 -5.41
C TYR A 206 29.15 -18.69 -4.46
N ASN A 207 30.42 -18.80 -4.87
CA ASN A 207 31.45 -19.42 -4.05
C ASN A 207 31.70 -18.63 -2.76
N GLN A 208 31.81 -17.31 -2.87
CA GLN A 208 31.98 -16.48 -1.69
C GLN A 208 30.71 -16.43 -0.84
N LEU A 209 29.54 -16.56 -1.45
CA LEU A 209 28.28 -16.67 -0.68
C LEU A 209 28.32 -17.89 0.23
N ALA A 210 28.70 -19.04 -0.32
CA ALA A 210 28.75 -20.29 0.45
C ALA A 210 29.74 -20.21 1.59
N LEU A 211 30.92 -19.64 1.32
CA LEU A 211 31.98 -19.47 2.32
C LEU A 211 31.53 -18.62 3.47
N THR A 212 30.89 -17.53 3.12
CA THR A 212 30.57 -16.47 4.03
C THR A 212 29.26 -16.79 4.81
N ALA A 213 28.35 -17.56 4.20
CA ALA A 213 27.14 -18.01 4.86
C ALA A 213 27.42 -19.09 5.89
N ARG A 214 28.46 -19.89 5.65
CA ARG A 214 28.91 -20.85 6.65
C ARG A 214 29.34 -20.18 7.93
N LEU A 215 29.93 -18.99 7.81
CA LEU A 215 30.37 -18.22 8.96
C LEU A 215 29.24 -17.43 9.64
N PHE A 216 28.42 -16.74 8.82
CA PHE A 216 27.41 -15.79 9.32
C PHE A 216 26.17 -16.50 9.85
N ARG A 217 25.88 -17.69 9.32
CA ARG A 217 24.76 -18.51 9.75
C ARG A 217 23.42 -17.79 9.59
N PRO A 218 23.11 -17.34 8.36
CA PRO A 218 21.82 -16.69 8.12
C PRO A 218 20.68 -17.66 8.25
N ARG A 219 19.54 -17.18 8.74
CA ARG A 219 18.32 -17.98 8.77
C ARG A 219 17.49 -17.86 7.49
N LEU A 220 17.78 -16.83 6.69
CA LEU A 220 17.09 -16.58 5.43
C LEU A 220 18.09 -15.96 4.45
N ILE A 221 18.15 -16.51 3.24
CA ILE A 221 18.95 -15.93 2.16
C ILE A 221 18.01 -15.56 1.04
N ILE A 222 18.23 -14.37 0.48
CA ILE A 222 17.43 -13.83 -0.61
C ILE A 222 18.14 -13.99 -1.97
N ALA A 223 17.43 -14.60 -2.91
CA ALA A 223 17.88 -14.72 -4.29
C ALA A 223 17.01 -13.83 -5.14
N GLY A 224 17.51 -12.65 -5.49
CA GLY A 224 16.75 -11.76 -6.35
C GLY A 224 17.39 -10.42 -6.49
N THR A 225 17.11 -9.74 -7.59
CA THR A 225 17.84 -8.53 -7.94
C THR A 225 16.98 -7.40 -8.47
N SER A 226 17.55 -6.20 -8.37
CA SER A 226 17.04 -4.98 -8.98
C SER A 226 17.83 -4.62 -10.23
N ALA A 227 19.14 -4.82 -10.20
CA ALA A 227 20.00 -4.46 -11.30
C ALA A 227 21.02 -5.57 -11.57
N TYR A 228 20.57 -6.56 -12.33
CA TYR A 228 21.39 -7.71 -12.68
C TYR A 228 20.88 -8.26 -14.00
N ALA A 229 21.80 -8.44 -14.95
CA ALA A 229 21.45 -8.78 -16.32
C ALA A 229 21.39 -10.28 -16.59
N ARG A 230 21.65 -11.09 -15.58
CA ARG A 230 21.81 -12.52 -15.78
C ARG A 230 20.82 -13.32 -14.96
N LEU A 231 20.78 -14.62 -15.25
CA LEU A 231 19.90 -15.56 -14.56
C LEU A 231 20.58 -15.98 -13.28
N ILE A 232 19.79 -16.06 -12.20
CA ILE A 232 20.32 -16.46 -10.89
C ILE A 232 20.33 -17.99 -10.84
N ASP A 233 21.38 -18.53 -10.22
CA ASP A 233 21.57 -19.98 -10.10
C ASP A 233 20.87 -20.38 -8.82
N TYR A 234 19.54 -20.52 -8.92
CA TYR A 234 18.67 -20.78 -7.78
C TYR A 234 19.05 -22.09 -7.11
N ALA A 235 19.37 -23.09 -7.92
CA ALA A 235 19.83 -24.41 -7.45
C ALA A 235 21.03 -24.28 -6.51
N ARG A 236 22.01 -23.45 -6.88
CA ARG A 236 23.16 -23.22 -6.01
C ARG A 236 22.75 -22.47 -4.73
N MET A 237 21.86 -21.49 -4.85
CA MET A 237 21.34 -20.78 -3.67
C MET A 237 20.68 -21.79 -2.72
N ARG A 238 19.91 -22.71 -3.29
CA ARG A 238 19.25 -23.77 -2.55
C ARG A 238 20.25 -24.72 -1.86
N GLU A 239 21.36 -25.05 -2.52
CA GLU A 239 22.41 -25.87 -1.88
C GLU A 239 23.00 -25.17 -0.66
N VAL A 240 23.34 -23.89 -0.79
CA VAL A 240 23.89 -23.10 0.32
C VAL A 240 22.86 -23.01 1.45
N CYS A 241 21.59 -22.87 1.09
CA CYS A 241 20.52 -22.77 2.08
C CYS A 241 20.30 -24.07 2.85
N ASP A 242 20.26 -25.18 2.13
CA ASP A 242 20.13 -26.50 2.77
C ASP A 242 21.31 -26.78 3.72
N GLU A 243 22.51 -26.44 3.29
CA GLU A 243 23.71 -26.63 4.10
C GLU A 243 23.69 -25.86 5.42
N VAL A 244 23.39 -24.56 5.36
CA VAL A 244 23.36 -23.72 6.59
C VAL A 244 21.99 -23.66 7.28
N LYS A 245 21.02 -24.46 6.82
CA LYS A 245 19.73 -24.57 7.47
C LYS A 245 19.04 -23.19 7.44
N ALA A 246 18.96 -22.63 6.25
CA ALA A 246 18.36 -21.32 6.00
C ALA A 246 17.22 -21.44 5.01
N HIS A 247 16.19 -20.60 5.16
CA HIS A 247 15.10 -20.49 4.17
C HIS A 247 15.63 -19.79 2.93
N LEU A 248 15.27 -20.28 1.75
CA LEU A 248 15.54 -19.59 0.49
C LEU A 248 14.30 -18.80 0.05
N LEU A 249 14.47 -17.49 -0.07
CA LEU A 249 13.44 -16.62 -0.61
C LEU A 249 13.92 -16.17 -1.98
N ALA A 250 13.11 -16.41 -3.00
CA ALA A 250 13.30 -15.76 -4.29
C ALA A 250 12.45 -14.51 -4.31
N ASP A 251 13.08 -13.35 -4.49
CA ASP A 251 12.37 -12.09 -4.72
C ASP A 251 12.47 -11.78 -6.22
N MET A 252 11.42 -12.13 -6.95
CA MET A 252 11.48 -12.13 -8.41
C MET A 252 10.85 -10.90 -9.03
N ALA A 253 10.76 -9.81 -8.29
CA ALA A 253 10.01 -8.63 -8.71
C ALA A 253 10.32 -8.20 -10.14
N HIS A 254 11.61 -8.05 -10.45
CA HIS A 254 12.02 -7.58 -11.77
C HIS A 254 11.66 -8.51 -12.91
N ILE A 255 11.64 -9.81 -12.65
CA ILE A 255 11.55 -10.83 -13.70
C ILE A 255 10.25 -11.62 -13.73
N SER A 256 9.33 -11.31 -12.83
CA SER A 256 8.12 -12.12 -12.60
C SER A 256 7.36 -12.46 -13.90
N GLY A 257 7.14 -11.47 -14.74
CA GLY A 257 6.50 -11.69 -16.04
C GLY A 257 7.25 -12.64 -16.97
N LEU A 258 8.57 -12.54 -16.95
CA LEU A 258 9.41 -13.47 -17.71
C LEU A 258 9.22 -14.89 -17.17
N VAL A 259 9.24 -15.01 -15.85
CA VAL A 259 9.00 -16.30 -15.18
C VAL A 259 7.63 -16.85 -15.55
N ALA A 260 6.60 -16.00 -15.52
CA ALA A 260 5.24 -16.41 -15.85
C ALA A 260 5.13 -16.95 -17.26
N ALA A 261 5.78 -16.28 -18.19
CA ALA A 261 5.74 -16.63 -19.61
C ALA A 261 6.61 -17.83 -19.95
N LYS A 262 7.45 -18.27 -19.01
CA LYS A 262 8.31 -19.45 -19.16
C LYS A 262 9.38 -19.23 -20.21
N VAL A 263 9.85 -17.99 -20.29
CA VAL A 263 10.95 -17.59 -21.18
C VAL A 263 12.28 -17.52 -20.44
N ILE A 264 12.25 -17.71 -19.12
CA ILE A 264 13.45 -17.93 -18.31
C ILE A 264 13.10 -18.99 -17.26
N PRO A 265 14.14 -19.60 -16.64
CA PRO A 265 13.88 -20.60 -15.60
C PRO A 265 13.14 -20.02 -14.39
N SER A 266 12.30 -20.85 -13.76
CA SER A 266 11.43 -20.43 -12.66
C SER A 266 12.09 -20.64 -11.31
N PRO A 267 12.16 -19.60 -10.46
CA PRO A 267 12.68 -19.84 -9.12
C PRO A 267 11.80 -20.73 -8.26
N PHE A 268 10.56 -21.01 -8.70
CA PHE A 268 9.66 -21.93 -7.98
C PHE A 268 10.14 -23.38 -7.94
N LYS A 269 11.07 -23.77 -8.81
CA LYS A 269 11.68 -25.11 -8.74
C LYS A 269 12.56 -25.28 -7.51
N HIS A 270 13.11 -24.19 -6.97
CA HIS A 270 14.10 -24.24 -5.89
C HIS A 270 13.82 -23.43 -4.62
N ALA A 271 12.91 -22.46 -4.64
CA ALA A 271 12.66 -21.64 -3.46
C ALA A 271 11.50 -22.19 -2.63
N ASP A 272 11.53 -21.87 -1.35
CA ASP A 272 10.46 -22.17 -0.40
C ASP A 272 9.37 -21.10 -0.42
N ILE A 273 9.84 -19.85 -0.52
CA ILE A 273 9.02 -18.66 -0.55
C ILE A 273 9.42 -17.87 -1.78
N VAL A 274 8.44 -17.29 -2.47
CA VAL A 274 8.71 -16.37 -3.58
C VAL A 274 7.92 -15.09 -3.38
N THR A 275 8.61 -13.94 -3.38
CA THR A 275 7.95 -12.65 -3.40
C THR A 275 8.02 -12.03 -4.79
N THR A 276 7.05 -11.15 -5.05
CA THR A 276 7.09 -10.33 -6.23
C THR A 276 6.20 -9.11 -6.07
N THR A 277 6.57 -8.07 -6.79
CA THR A 277 5.63 -7.03 -7.17
C THR A 277 4.65 -7.60 -8.21
N THR A 278 3.52 -6.90 -8.38
CA THR A 278 2.51 -7.22 -9.39
C THR A 278 2.60 -6.33 -10.62
N HIS A 279 3.44 -5.31 -10.53
CA HIS A 279 3.68 -4.34 -11.58
C HIS A 279 5.02 -4.80 -12.19
N LYS A 280 5.84 -3.88 -12.72
CA LYS A 280 7.08 -4.28 -13.42
C LYS A 280 6.71 -5.20 -14.57
N THR A 281 7.44 -6.30 -14.77
CA THR A 281 7.22 -7.14 -15.93
C THR A 281 5.86 -7.86 -15.96
N LEU A 282 5.19 -7.99 -14.80
CA LEU A 282 3.81 -8.50 -14.77
C LEU A 282 2.78 -7.48 -15.25
N ARG A 283 3.16 -6.20 -15.26
CA ARG A 283 2.39 -5.19 -15.96
C ARG A 283 1.01 -4.93 -15.30
N GLY A 284 0.90 -5.18 -14.00
CA GLY A 284 -0.34 -4.94 -13.24
C GLY A 284 -0.31 -3.65 -12.47
N ALA A 285 -1.28 -3.50 -11.57
CA ALA A 285 -1.27 -2.40 -10.60
C ALA A 285 -0.19 -2.62 -9.55
N ARG A 286 0.19 -1.55 -8.88
CA ARG A 286 1.18 -1.64 -7.82
C ARG A 286 0.60 -2.37 -6.65
N SER A 287 1.31 -3.41 -6.21
CA SER A 287 0.85 -4.37 -5.20
C SER A 287 1.87 -5.50 -5.12
N GLY A 288 1.64 -6.44 -4.20
CA GLY A 288 2.60 -7.49 -3.91
C GLY A 288 1.98 -8.85 -3.80
N LEU A 289 2.84 -9.87 -3.85
CA LEU A 289 2.44 -11.25 -3.66
C LEU A 289 3.47 -12.00 -2.80
N ILE A 290 3.00 -12.93 -1.98
CA ILE A 290 3.85 -13.89 -1.28
C ILE A 290 3.35 -15.28 -1.62
N PHE A 291 4.15 -16.04 -2.37
CA PHE A 291 3.92 -17.46 -2.62
C PHE A 291 4.69 -18.27 -1.59
N TYR A 292 4.21 -19.46 -1.25
CA TYR A 292 4.84 -20.29 -0.21
C TYR A 292 4.51 -21.75 -0.44
N ARG A 293 5.43 -22.62 -0.07
N ARG A 293 5.43 -22.64 -0.10
CA ARG A 293 5.23 -24.07 -0.16
CA ARG A 293 5.14 -24.06 -0.25
C ARG A 293 4.21 -24.50 0.90
C ARG A 293 4.23 -24.52 0.89
N LYS A 294 3.43 -25.54 0.59
CA LYS A 294 2.51 -26.16 1.55
C LYS A 294 2.39 -27.67 1.25
N GLY A 295 1.80 -28.40 2.19
CA GLY A 295 1.78 -29.87 2.15
C GLY A 295 2.93 -30.47 2.95
N VAL A 296 3.87 -31.11 2.27
CA VAL A 296 4.81 -32.05 2.90
C VAL A 296 6.30 -31.75 2.63
N LYS A 297 7.08 -31.63 3.70
CA LYS A 297 8.57 -31.58 3.71
C LYS A 297 9.13 -30.20 3.41
N ILE A 307 7.38 -33.39 9.23
CA ILE A 307 6.65 -33.84 8.05
C ILE A 307 6.11 -32.63 7.21
N PRO A 308 5.32 -31.68 7.79
CA PRO A 308 4.61 -30.71 6.94
C PRO A 308 5.34 -29.35 6.81
N TYR A 309 4.99 -28.59 5.77
CA TYR A 309 5.43 -27.19 5.68
C TYR A 309 4.59 -26.32 6.64
N THR A 310 5.21 -25.27 7.18
CA THR A 310 4.57 -24.33 8.15
C THR A 310 4.65 -22.86 7.74
N PHE A 311 4.67 -22.59 6.44
CA PHE A 311 4.76 -21.23 5.94
C PHE A 311 3.38 -20.59 5.91
N GLU A 312 2.40 -21.32 5.37
CA GLU A 312 1.05 -20.80 5.16
C GLU A 312 0.50 -19.95 6.30
N ASP A 313 0.35 -20.52 7.48
CA ASP A 313 -0.26 -19.80 8.59
C ASP A 313 0.61 -18.67 9.09
N ARG A 314 1.94 -18.86 9.08
CA ARG A 314 2.85 -17.80 9.54
C ARG A 314 2.91 -16.60 8.62
N ILE A 315 2.89 -16.86 7.30
CA ILE A 315 2.91 -15.79 6.31
C ILE A 315 1.63 -15.00 6.39
N ASN A 316 0.50 -15.70 6.36
CA ASN A 316 -0.82 -15.04 6.41
C ASN A 316 -1.01 -14.17 7.65
N PHE A 317 -0.59 -14.68 8.80
CA PHE A 317 -0.66 -13.96 10.07
C PHE A 317 0.23 -12.72 10.06
N ALA A 318 1.42 -12.86 9.51
CA ALA A 318 2.35 -11.72 9.41
C ALA A 318 1.74 -10.58 8.60
N VAL A 319 1.10 -10.92 7.48
CA VAL A 319 0.46 -9.92 6.64
C VAL A 319 -0.70 -9.27 7.40
N PHE A 320 -1.60 -10.09 7.92
CA PHE A 320 -2.67 -9.62 8.80
C PHE A 320 -2.95 -10.69 9.86
N PRO A 321 -2.92 -10.35 11.16
CA PRO A 321 -2.97 -8.98 11.71
C PRO A 321 -1.67 -8.26 11.98
N SER A 322 -0.52 -8.90 11.78
CA SER A 322 0.73 -8.34 12.32
C SER A 322 1.10 -7.02 11.68
N LEU A 323 1.16 -6.94 10.36
CA LEU A 323 1.72 -5.75 9.68
C LEU A 323 0.70 -4.82 9.04
N GLN A 324 -0.23 -5.39 8.28
CA GLN A 324 -1.13 -4.57 7.48
C GLN A 324 -2.47 -4.43 8.18
N GLY A 325 -3.26 -3.50 7.68
CA GLY A 325 -4.65 -3.39 8.08
C GLY A 325 -5.55 -3.97 7.00
N GLY A 326 -6.48 -3.15 6.54
CA GLY A 326 -7.43 -3.58 5.56
C GLY A 326 -6.75 -3.73 4.22
N PRO A 327 -7.02 -4.85 3.52
CA PRO A 327 -6.47 -5.00 2.17
C PRO A 327 -7.03 -3.96 1.19
N HIS A 328 -6.30 -3.76 0.10
CA HIS A 328 -6.68 -2.83 -0.94
C HIS A 328 -7.29 -3.66 -2.05
N ASN A 329 -8.60 -3.94 -1.93
CA ASN A 329 -9.30 -4.88 -2.82
C ASN A 329 -9.32 -4.43 -4.28
N HIS A 330 -9.40 -3.12 -4.47
CA HIS A 330 -9.25 -2.52 -5.80
C HIS A 330 -7.94 -2.92 -6.49
N ALA A 331 -6.83 -2.85 -5.76
CA ALA A 331 -5.56 -3.35 -6.25
C ALA A 331 -5.55 -4.88 -6.47
N ILE A 332 -6.16 -5.62 -5.54
CA ILE A 332 -6.28 -7.08 -5.65
C ILE A 332 -7.00 -7.46 -6.94
N ALA A 333 -8.06 -6.73 -7.29
CA ALA A 333 -8.79 -6.96 -8.55
C ALA A 333 -7.97 -6.60 -9.81
N ALA A 334 -7.33 -5.43 -9.78
CA ALA A 334 -6.36 -5.04 -10.82
C ALA A 334 -5.30 -6.09 -11.04
N VAL A 335 -4.79 -6.62 -9.93
CA VAL A 335 -3.77 -7.67 -9.97
C VAL A 335 -4.33 -8.94 -10.59
N ALA A 336 -5.56 -9.29 -10.24
CA ALA A 336 -6.24 -10.45 -10.87
C ALA A 336 -6.38 -10.29 -12.38
N VAL A 337 -6.69 -9.08 -12.81
CA VAL A 337 -6.83 -8.78 -14.23
C VAL A 337 -5.50 -8.98 -14.92
N ALA A 338 -4.43 -8.41 -14.35
CA ALA A 338 -3.10 -8.53 -14.96
C ALA A 338 -2.59 -9.97 -14.97
N LEU A 339 -2.96 -10.75 -13.95
CA LEU A 339 -2.61 -12.18 -13.85
C LEU A 339 -3.33 -13.03 -14.89
N LYS A 340 -4.59 -12.69 -15.21
CA LYS A 340 -5.30 -13.36 -16.33
C LYS A 340 -4.61 -13.05 -17.66
N GLN A 341 -4.21 -11.79 -17.85
CA GLN A 341 -3.42 -11.39 -19.03
C GLN A 341 -2.12 -12.18 -19.11
N ALA A 342 -1.48 -12.38 -17.96
CA ALA A 342 -0.20 -13.10 -17.89
C ALA A 342 -0.24 -14.57 -18.26
N CYS A 343 -1.43 -15.18 -18.31
CA CYS A 343 -1.58 -16.57 -18.75
C CYS A 343 -1.75 -16.76 -20.27
N THR A 344 -1.85 -15.66 -21.02
CA THR A 344 -2.23 -15.76 -22.43
C THR A 344 -1.02 -15.94 -23.37
N PRO A 345 -1.27 -16.50 -24.58
CA PRO A 345 -0.19 -16.55 -25.60
C PRO A 345 0.37 -15.17 -25.99
N MET A 346 -0.48 -14.14 -25.93
CA MET A 346 -0.07 -12.74 -26.11
C MET A 346 1.08 -12.34 -25.18
N PHE A 347 0.97 -12.75 -23.91
CA PHE A 347 1.92 -12.37 -22.87
C PHE A 347 3.23 -13.11 -23.02
N ARG A 348 3.14 -14.37 -23.47
CA ARG A 348 4.35 -15.11 -23.81
C ARG A 348 5.05 -14.45 -24.99
N GLU A 349 4.29 -14.00 -25.98
CA GLU A 349 4.88 -13.31 -27.12
C GLU A 349 5.53 -11.98 -26.70
N TYR A 350 4.84 -11.24 -25.85
CA TYR A 350 5.40 -10.04 -25.21
C TYR A 350 6.70 -10.31 -24.45
N SER A 351 6.71 -11.33 -23.60
CA SER A 351 7.87 -11.61 -22.77
C SER A 351 9.06 -12.07 -23.64
N LEU A 352 8.79 -12.91 -24.64
CA LEU A 352 9.83 -13.24 -25.66
C LEU A 352 10.42 -11.98 -26.29
N GLN A 353 9.55 -11.04 -26.66
CA GLN A 353 9.96 -9.79 -27.30
C GLN A 353 10.83 -8.91 -26.38
N VAL A 354 10.49 -8.86 -25.09
CA VAL A 354 11.27 -8.15 -24.09
C VAL A 354 12.71 -8.67 -24.08
N LEU A 355 12.87 -9.98 -24.11
CA LEU A 355 14.19 -10.59 -24.19
C LEU A 355 14.94 -10.20 -25.47
N LYS A 356 14.29 -10.35 -26.62
CA LYS A 356 14.91 -9.95 -27.90
C LYS A 356 15.27 -8.48 -27.91
N ASN A 357 14.37 -7.63 -27.40
CA ASN A 357 14.61 -6.18 -27.38
C ASN A 357 15.81 -5.82 -26.50
N ALA A 358 15.93 -6.48 -25.35
CA ALA A 358 17.11 -6.28 -24.50
C ALA A 358 18.38 -6.76 -25.19
N ARG A 359 18.31 -7.93 -25.83
CA ARG A 359 19.44 -8.45 -26.63
C ARG A 359 19.89 -7.48 -27.72
N ALA A 360 18.91 -7.00 -28.48
CA ALA A 360 19.11 -6.01 -29.53
C ALA A 360 19.73 -4.71 -29.01
N MET A 361 19.28 -4.26 -27.84
CA MET A 361 19.85 -3.07 -27.20
C MET A 361 21.30 -3.28 -26.78
N ALA A 362 21.59 -4.47 -26.25
CA ALA A 362 22.95 -4.87 -25.86
C ALA A 362 23.90 -4.96 -27.08
N ASP A 363 23.48 -5.69 -28.11
CA ASP A 363 24.25 -5.81 -29.36
C ASP A 363 24.52 -4.46 -29.99
N ALA A 364 23.50 -3.60 -30.05
CA ALA A 364 23.65 -2.24 -30.58
C ALA A 364 24.63 -1.41 -29.76
N LEU A 365 24.61 -1.56 -28.44
CA LEU A 365 25.57 -0.85 -27.58
C LEU A 365 26.99 -1.37 -27.79
N LEU A 366 27.12 -2.69 -27.93
CA LEU A 366 28.41 -3.34 -28.15
C LEU A 366 29.04 -2.90 -29.47
N GLU A 367 28.25 -2.96 -30.54
CA GLU A 367 28.69 -2.47 -31.86
C GLU A 367 29.13 -1.00 -31.88
N ARG A 368 28.59 -0.17 -31.00
CA ARG A 368 29.06 1.22 -30.83
C ARG A 368 30.22 1.35 -29.84
N GLY A 369 30.67 0.24 -29.27
CA GLY A 369 31.88 0.20 -28.45
C GLY A 369 31.69 0.50 -26.97
N TYR A 370 30.47 0.28 -26.48
CA TYR A 370 30.17 0.44 -25.06
C TYR A 370 30.50 -0.87 -24.36
N SER A 371 30.86 -0.78 -23.08
CA SER A 371 31.08 -1.95 -22.22
C SER A 371 29.81 -2.29 -21.47
N LEU A 372 29.45 -3.57 -21.45
CA LEU A 372 28.34 -4.07 -20.66
C LEU A 372 28.82 -4.91 -19.47
N VAL A 373 28.28 -4.61 -18.28
CA VAL A 373 28.60 -5.36 -17.07
C VAL A 373 28.06 -6.78 -17.25
N SER A 374 28.94 -7.74 -17.00
CA SER A 374 28.71 -9.16 -17.33
C SER A 374 28.74 -9.49 -18.82
N GLY A 375 29.10 -8.53 -19.67
CA GLY A 375 29.23 -8.73 -21.13
C GLY A 375 27.98 -8.74 -22.02
N GLY A 376 26.79 -8.74 -21.42
CA GLY A 376 25.54 -8.84 -22.19
C GLY A 376 24.34 -9.03 -21.27
N THR A 377 23.37 -9.81 -21.70
CA THR A 377 22.16 -10.02 -20.90
C THR A 377 21.42 -11.27 -21.28
N ASP A 378 20.78 -11.92 -20.31
CA ASP A 378 19.86 -13.04 -20.53
C ASP A 378 18.48 -12.69 -20.04
N ASN A 379 18.22 -11.40 -19.77
CA ASN A 379 16.92 -10.97 -19.25
C ASN A 379 16.44 -9.65 -19.91
N HIS A 380 15.62 -8.90 -19.17
CA HIS A 380 14.95 -7.71 -19.67
C HIS A 380 15.78 -6.43 -19.62
N LEU A 381 16.97 -6.46 -19.04
CA LEU A 381 17.75 -5.23 -18.90
C LEU A 381 19.18 -5.43 -19.29
N VAL A 382 19.90 -4.33 -19.49
CA VAL A 382 21.33 -4.35 -19.76
C VAL A 382 21.98 -3.30 -18.88
N LEU A 383 23.19 -3.57 -18.41
CA LEU A 383 23.93 -2.66 -17.55
C LEU A 383 25.12 -2.11 -18.34
N VAL A 384 25.13 -0.80 -18.54
CA VAL A 384 26.15 -0.15 -19.33
C VAL A 384 27.16 0.39 -18.36
N ASP A 385 28.43 0.15 -18.65
CA ASP A 385 29.54 0.76 -17.92
C ASP A 385 30.06 1.85 -18.85
N LEU A 386 29.91 3.10 -18.42
CA LEU A 386 30.29 4.28 -19.23
C LEU A 386 31.70 4.79 -18.95
N ARG A 387 32.38 4.26 -17.93
CA ARG A 387 33.73 4.73 -17.60
C ARG A 387 34.73 4.59 -18.75
N PRO A 388 34.75 3.43 -19.45
CA PRO A 388 35.61 3.29 -20.64
C PRO A 388 35.35 4.32 -21.73
N LYS A 389 34.13 4.83 -21.80
CA LYS A 389 33.73 5.86 -22.77
C LYS A 389 34.12 7.29 -22.34
N GLY A 390 34.52 7.47 -21.08
CA GLY A 390 34.89 8.78 -20.52
C GLY A 390 33.79 9.55 -19.79
N LEU A 391 32.64 8.91 -19.59
CA LEU A 391 31.49 9.54 -18.93
C LEU A 391 31.04 8.67 -17.75
N ASP A 392 30.24 9.25 -16.87
CA ASP A 392 29.69 8.51 -15.75
C ASP A 392 28.18 8.50 -15.85
N GLY A 393 27.55 7.67 -15.01
CA GLY A 393 26.11 7.49 -14.99
C GLY A 393 25.30 8.71 -14.59
N ALA A 394 25.84 9.50 -13.67
CA ALA A 394 25.16 10.71 -13.18
C ALA A 394 25.07 11.79 -14.26
N ARG A 395 26.11 11.87 -15.07
CA ARG A 395 26.15 12.81 -16.19
C ARG A 395 25.21 12.34 -17.31
N ALA A 396 25.34 11.07 -17.71
CA ALA A 396 24.51 10.50 -18.77
C ALA A 396 23.01 10.50 -18.42
N GLU A 397 22.68 10.11 -17.19
CA GLU A 397 21.31 10.14 -16.67
C GLU A 397 20.64 11.50 -16.86
N ARG A 398 21.35 12.56 -16.49
CA ARG A 398 20.82 13.91 -16.55
C ARG A 398 20.65 14.44 -17.99
N VAL A 399 21.63 14.18 -18.84
CA VAL A 399 21.51 14.53 -20.27
C VAL A 399 20.33 13.79 -20.89
N LEU A 400 20.24 12.50 -20.65
CA LEU A 400 19.18 11.69 -21.22
C LEU A 400 17.80 12.15 -20.74
N GLU A 401 17.69 12.47 -19.46
CA GLU A 401 16.43 13.00 -18.88
C GLU A 401 15.90 14.22 -19.64
N LEU A 402 16.81 15.09 -20.06
CA LEU A 402 16.46 16.34 -20.74
C LEU A 402 16.05 16.14 -22.19
N VAL A 403 16.40 14.99 -22.78
CA VAL A 403 15.92 14.62 -24.11
C VAL A 403 14.82 13.54 -24.06
N SER A 404 14.17 13.42 -22.90
CA SER A 404 13.00 12.54 -22.68
C SER A 404 13.26 11.04 -22.66
N ILE A 405 14.50 10.67 -22.36
CA ILE A 405 14.91 9.28 -22.16
C ILE A 405 15.16 9.14 -20.67
N THR A 406 14.38 8.30 -19.98
CA THR A 406 14.55 8.08 -18.55
C THR A 406 15.26 6.74 -18.35
N ALA A 407 16.44 6.79 -17.75
CA ALA A 407 17.20 5.62 -17.31
C ALA A 407 17.66 5.94 -15.88
N ASN A 408 18.29 4.98 -15.20
CA ASN A 408 18.94 5.31 -13.92
C ASN A 408 20.37 4.83 -13.81
N LYS A 409 21.12 5.60 -13.03
CA LYS A 409 22.54 5.35 -12.83
C LYS A 409 22.71 4.08 -12.01
N ASN A 410 23.88 3.47 -12.17
CA ASN A 410 24.17 2.14 -11.66
C ASN A 410 25.64 2.07 -11.26
N THR A 411 25.88 1.73 -10.01
CA THR A 411 27.24 1.53 -9.52
C THR A 411 27.87 0.37 -10.27
N CYS A 412 29.11 0.54 -10.71
CA CYS A 412 29.79 -0.52 -11.45
C CYS A 412 30.59 -1.36 -10.48
N PRO A 413 30.75 -2.67 -10.78
CA PRO A 413 31.42 -3.58 -9.85
C PRO A 413 32.84 -3.15 -9.53
N GLY A 414 33.15 -3.12 -8.24
CA GLY A 414 34.47 -2.72 -7.76
C GLY A 414 34.56 -1.28 -7.29
N ASP A 415 33.69 -0.40 -7.81
CA ASP A 415 33.58 0.98 -7.27
C ASP A 415 32.82 0.97 -5.95
N ARG A 416 33.01 2.04 -5.19
CA ARG A 416 32.33 2.23 -3.90
C ARG A 416 31.27 3.33 -4.01
N SER A 417 30.24 3.24 -3.17
CA SER A 417 29.25 4.33 -3.00
C SER A 417 29.92 5.51 -2.25
N ALA A 418 30.29 6.54 -3.01
CA ALA A 418 31.20 7.65 -2.59
C ALA A 418 31.88 8.17 -3.86
N ILE A 419 32.32 7.23 -4.69
CA ILE A 419 32.65 7.49 -6.09
C ILE A 419 31.32 7.63 -6.84
N THR A 420 31.32 8.51 -7.84
CA THR A 420 30.12 8.75 -8.67
C THR A 420 29.86 7.57 -9.62
N PRO A 421 28.58 7.09 -9.72
CA PRO A 421 28.36 5.78 -10.33
C PRO A 421 28.73 5.80 -11.79
N GLY A 422 29.43 4.77 -12.22
CA GLY A 422 30.03 4.75 -13.54
C GLY A 422 29.13 4.24 -14.65
N GLY A 423 27.93 3.77 -14.31
CA GLY A 423 27.10 3.05 -15.25
C GLY A 423 25.65 3.47 -15.33
N LEU A 424 24.91 2.73 -16.14
CA LEU A 424 23.54 3.06 -16.47
C LEU A 424 22.76 1.75 -16.62
N ARG A 425 21.54 1.76 -16.12
N ARG A 425 21.57 1.69 -16.02
CA ARG A 425 20.66 0.63 -16.15
CA ARG A 425 20.68 0.55 -16.15
C ARG A 425 19.61 0.90 -17.22
C ARG A 425 19.63 0.88 -17.21
N LEU A 426 19.52 0.04 -18.24
CA LEU A 426 18.59 0.24 -19.36
C LEU A 426 17.69 -0.98 -19.48
N GLY A 427 16.38 -0.76 -19.49
CA GLY A 427 15.39 -1.83 -19.52
C GLY A 427 14.49 -1.78 -20.73
N ALA A 428 14.11 -2.96 -21.20
CA ALA A 428 13.20 -3.12 -22.34
C ALA A 428 11.67 -3.26 -22.07
N PRO A 429 11.21 -3.65 -20.86
CA PRO A 429 9.76 -3.97 -20.72
C PRO A 429 8.75 -2.89 -21.06
N ALA A 430 9.02 -1.65 -20.67
CA ALA A 430 8.07 -0.53 -20.85
C ALA A 430 7.84 -0.22 -22.32
N LEU A 431 8.92 -0.05 -23.05
CA LEU A 431 8.80 0.22 -24.47
C LEU A 431 8.30 -0.97 -25.26
N THR A 432 8.62 -2.18 -24.82
CA THR A 432 8.11 -3.38 -25.49
C THR A 432 6.60 -3.48 -25.33
N SER A 433 6.05 -2.91 -24.25
CA SER A 433 4.60 -2.85 -24.05
C SER A 433 3.92 -1.85 -25.00
N ARG A 434 4.71 -0.90 -25.48
CA ARG A 434 4.32 0.04 -26.53
C ARG A 434 4.56 -0.50 -27.97
N GLN A 435 4.74 -1.81 -28.10
CA GLN A 435 4.97 -2.51 -29.38
C GLN A 435 6.29 -2.16 -30.08
N PHE A 436 7.30 -1.73 -29.34
CA PHE A 436 8.65 -1.61 -29.88
C PHE A 436 9.17 -3.02 -30.24
N ARG A 437 9.97 -3.06 -31.30
CA ARG A 437 10.60 -4.27 -31.81
C ARG A 437 12.10 -4.01 -31.84
N GLU A 438 12.87 -4.97 -32.34
CA GLU A 438 14.34 -4.90 -32.29
C GLU A 438 14.90 -3.63 -32.96
N ASP A 439 14.42 -3.31 -34.16
CA ASP A 439 14.87 -2.10 -34.88
C ASP A 439 14.60 -0.78 -34.14
N ASP A 440 13.51 -0.76 -33.38
CA ASP A 440 13.15 0.42 -32.58
C ASP A 440 14.12 0.59 -31.44
N PHE A 441 14.58 -0.50 -30.86
CA PHE A 441 15.57 -0.41 -29.78
C PHE A 441 16.94 -0.05 -30.30
N ARG A 442 17.27 -0.46 -31.53
CA ARG A 442 18.50 0.01 -32.21
C ARG A 442 18.47 1.52 -32.31
N ARG A 443 17.29 2.02 -32.69
CA ARG A 443 17.04 3.44 -32.81
C ARG A 443 17.08 4.17 -31.45
N VAL A 444 16.61 3.52 -30.38
CA VAL A 444 16.76 4.04 -29.00
C VAL A 444 18.25 4.20 -28.67
N VAL A 445 19.05 3.22 -29.07
CA VAL A 445 20.49 3.27 -28.81
C VAL A 445 21.19 4.37 -29.59
N ASP A 446 20.74 4.67 -30.83
CA ASP A 446 21.23 5.84 -31.60
C ASP A 446 21.03 7.10 -30.79
N PHE A 447 19.81 7.31 -30.32
CA PHE A 447 19.49 8.49 -29.50
C PHE A 447 20.33 8.55 -28.22
N ILE A 448 20.48 7.41 -27.54
CA ILE A 448 21.33 7.35 -26.35
C ILE A 448 22.75 7.77 -26.69
N ASP A 449 23.26 7.28 -27.81
CA ASP A 449 24.63 7.58 -28.23
C ASP A 449 24.83 9.09 -28.41
N GLU A 450 23.83 9.76 -29.00
CA GLU A 450 23.88 11.22 -29.12
C GLU A 450 23.93 11.89 -27.76
N GLY A 451 23.09 11.41 -26.85
CA GLY A 451 23.08 11.91 -25.47
C GLY A 451 24.43 11.75 -24.80
N VAL A 452 25.00 10.56 -24.92
CA VAL A 452 26.34 10.28 -24.37
C VAL A 452 27.33 11.26 -24.99
N ASN A 453 27.38 11.31 -26.32
CA ASN A 453 28.29 12.21 -27.05
C ASN A 453 28.16 13.69 -26.63
N ILE A 454 26.94 14.17 -26.37
CA ILE A 454 26.76 15.52 -25.80
C ILE A 454 27.39 15.61 -24.41
N GLY A 455 27.04 14.67 -23.53
CA GLY A 455 27.60 14.62 -22.19
C GLY A 455 29.11 14.69 -22.19
N LEU A 456 29.75 14.00 -23.13
CA LEU A 456 31.22 14.07 -23.28
C LEU A 456 31.73 15.49 -23.60
N GLU A 457 31.09 16.17 -24.56
CA GLU A 457 31.44 17.56 -24.89
C GLU A 457 31.29 18.49 -23.68
N VAL A 458 30.23 18.29 -22.89
CA VAL A 458 29.97 19.16 -21.73
C VAL A 458 30.96 18.85 -20.59
N LYS A 459 31.33 17.58 -20.44
CA LYS A 459 32.36 17.16 -19.47
C LYS A 459 33.72 17.82 -19.74
N SER A 460 34.12 17.90 -21.01
CA SER A 460 35.37 18.60 -21.40
C SER A 460 35.34 20.14 -21.21
N LYS A 461 34.15 20.73 -21.08
CA LYS A 461 33.98 22.16 -20.81
C LYS A 461 33.63 22.50 -19.35
N THR A 462 33.39 21.51 -18.49
CA THR A 462 33.00 21.76 -17.10
C THR A 462 33.86 21.02 -16.09
N ALA A 463 33.88 21.52 -14.85
CA ALA A 463 34.74 20.99 -13.78
C ALA A 463 33.99 20.01 -12.86
N LYS A 464 33.08 20.53 -12.02
CA LYS A 464 32.35 19.72 -11.04
C LYS A 464 31.13 19.05 -11.70
N LEU A 465 30.31 18.33 -10.92
CA LEU A 465 29.03 17.81 -11.42
C LEU A 465 27.95 18.90 -11.40
N GLN A 466 27.90 19.71 -10.36
CA GLN A 466 26.93 20.82 -10.33
C GLN A 466 27.18 21.79 -11.50
N ASP A 467 28.45 21.96 -11.88
CA ASP A 467 28.85 22.75 -13.07
C ASP A 467 28.25 22.18 -14.35
N PHE A 468 28.44 20.89 -14.56
CA PHE A 468 27.89 20.14 -15.69
C PHE A 468 26.40 20.37 -15.79
N LYS A 469 25.70 20.21 -14.67
CA LYS A 469 24.23 20.23 -14.64
C LYS A 469 23.57 21.57 -14.97
N SER A 470 24.22 22.68 -14.64
CA SER A 470 23.68 24.01 -15.00
C SER A 470 24.29 24.57 -16.30
N PHE A 471 25.35 23.95 -16.80
CA PHE A 471 25.84 24.22 -18.16
C PHE A 471 24.87 23.66 -19.20
N LEU A 472 24.19 22.55 -18.88
CA LEU A 472 23.14 21.99 -19.76
C LEU A 472 21.92 22.90 -19.88
N LEU A 473 21.63 23.69 -18.84
CA LEU A 473 20.49 24.60 -18.83
C LEU A 473 20.81 25.97 -19.44
N LYS A 474 21.91 26.57 -19.00
CA LYS A 474 22.21 27.97 -19.31
C LYS A 474 23.00 28.20 -20.61
N ASP A 475 24.02 27.37 -20.88
CA ASP A 475 24.77 27.47 -22.16
C ASP A 475 23.83 27.25 -23.32
N SER A 476 23.65 28.27 -24.15
CA SER A 476 22.60 28.24 -25.17
C SER A 476 22.91 27.28 -26.33
N GLU A 477 24.18 27.01 -26.64
CA GLU A 477 24.49 26.12 -27.76
C GLU A 477 24.19 24.66 -27.43
N THR A 478 24.57 24.19 -26.24
CA THR A 478 24.26 22.82 -25.83
C THR A 478 22.76 22.61 -25.55
N SER A 479 22.06 23.62 -25.03
CA SER A 479 20.60 23.51 -24.81
C SER A 479 19.79 23.39 -26.13
N GLN A 480 20.27 24.02 -27.19
CA GLN A 480 19.70 23.85 -28.52
C GLN A 480 19.97 22.45 -29.06
N ARG A 481 21.20 21.97 -28.90
CA ARG A 481 21.54 20.59 -29.30
C ARG A 481 20.65 19.56 -28.58
N LEU A 482 20.35 19.83 -27.31
CA LEU A 482 19.45 19.02 -26.49
C LEU A 482 17.99 19.14 -26.96
N ALA A 483 17.52 20.38 -27.10
CA ALA A 483 16.16 20.64 -27.61
C ALA A 483 15.89 19.94 -28.94
N ASN A 484 16.92 19.87 -29.79
CA ASN A 484 16.82 19.20 -31.08
C ASN A 484 16.60 17.70 -30.92
N LEU A 485 17.44 17.09 -30.07
CA LEU A 485 17.36 15.65 -29.77
C LEU A 485 16.05 15.29 -29.06
N ARG A 486 15.64 16.14 -28.13
CA ARG A 486 14.39 15.94 -27.39
C ARG A 486 13.22 15.80 -28.33
N GLN A 487 13.12 16.76 -29.25
CA GLN A 487 12.04 16.80 -30.23
C GLN A 487 12.08 15.55 -31.15
N ARG A 488 13.27 15.14 -31.57
CA ARG A 488 13.38 13.92 -32.39
C ARG A 488 12.98 12.66 -31.62
N VAL A 489 13.38 12.59 -30.35
CA VAL A 489 13.01 11.50 -29.46
C VAL A 489 11.49 11.47 -29.26
N GLU A 490 10.91 12.63 -28.94
CA GLU A 490 9.47 12.72 -28.64
C GLU A 490 8.60 12.40 -29.84
N GLN A 491 8.94 12.95 -31.00
CA GLN A 491 8.32 12.57 -32.28
C GLN A 491 8.31 11.07 -32.47
N PHE A 492 9.49 10.46 -32.31
CA PHE A 492 9.65 9.02 -32.48
C PHE A 492 8.75 8.24 -31.53
N ALA A 493 8.78 8.62 -30.25
CA ALA A 493 8.07 7.92 -29.20
C ALA A 493 6.54 8.06 -29.27
N ARG A 494 6.06 9.25 -29.62
CA ARG A 494 4.62 9.50 -29.69
C ARG A 494 3.91 8.62 -30.70
N ALA A 495 4.62 8.22 -31.76
CA ALA A 495 4.03 7.36 -32.79
C ALA A 495 3.50 6.03 -32.27
N PHE A 496 4.10 5.53 -31.19
CA PHE A 496 3.81 4.19 -30.69
C PHE A 496 2.58 4.16 -29.79
N PRO A 497 1.84 3.05 -29.82
CA PRO A 497 0.68 2.93 -28.93
C PRO A 497 1.08 2.85 -27.46
N MET A 498 0.12 3.15 -26.59
CA MET A 498 0.32 3.26 -25.15
C MET A 498 -0.83 2.55 -24.45
N PRO A 499 -0.53 1.55 -23.61
CA PRO A 499 -1.57 0.97 -22.75
C PRO A 499 -2.20 2.00 -21.82
N GLY A 500 -3.48 1.80 -21.52
CA GLY A 500 -4.18 2.65 -20.57
C GLY A 500 -5.32 3.40 -21.20
N PHE A 501 -5.71 4.49 -20.54
CA PHE A 501 -6.77 5.38 -21.00
C PHE A 501 -6.16 6.40 -21.96
N ASP A 502 -6.97 6.99 -22.84
CA ASP A 502 -6.44 7.96 -23.82
C ASP A 502 -5.78 9.18 -23.19
N GLU A 503 -6.46 9.78 -22.21
CA GLU A 503 -6.13 11.12 -21.72
C GLU A 503 -5.63 11.20 -20.26
N HIS A 504 -5.63 10.09 -19.54
CA HIS A 504 -5.20 10.11 -18.13
C HIS A 504 -4.65 8.77 -17.65
N TRP B 43 -2.94 -6.79 -29.30
CA TRP B 43 -3.05 -6.33 -27.88
C TRP B 43 -2.39 -4.96 -27.69
N THR B 44 -3.21 -3.99 -27.29
CA THR B 44 -2.78 -2.61 -27.03
C THR B 44 -2.74 -2.28 -25.54
N GLY B 45 -3.53 -2.98 -24.73
CA GLY B 45 -3.78 -2.57 -23.36
C GLY B 45 -4.72 -1.38 -23.25
N GLN B 46 -5.51 -1.12 -24.28
CA GLN B 46 -6.57 -0.08 -24.27
C GLN B 46 -7.97 -0.69 -24.36
N GLU B 47 -8.05 -2.01 -24.31
CA GLU B 47 -9.33 -2.70 -24.31
C GLU B 47 -10.03 -2.42 -22.97
N SER B 48 -11.36 -2.46 -22.96
CA SER B 48 -12.11 -2.26 -21.75
C SER B 48 -12.04 -3.50 -20.85
N LEU B 49 -12.31 -3.29 -19.57
CA LEU B 49 -12.42 -4.38 -18.62
C LEU B 49 -13.58 -5.31 -18.98
N SER B 50 -14.74 -4.73 -19.30
CA SER B 50 -15.93 -5.53 -19.70
C SER B 50 -15.69 -6.43 -20.91
N ASP B 51 -14.92 -5.94 -21.89
CA ASP B 51 -14.62 -6.73 -23.08
C ASP B 51 -13.55 -7.77 -22.83
N SER B 52 -12.50 -7.39 -22.11
CA SER B 52 -11.31 -8.24 -21.99
C SER B 52 -11.35 -9.23 -20.81
N ASP B 53 -12.01 -8.85 -19.70
CA ASP B 53 -12.15 -9.76 -18.54
C ASP B 53 -13.60 -9.72 -18.02
N PRO B 54 -14.52 -10.38 -18.75
CA PRO B 54 -15.91 -10.35 -18.31
C PRO B 54 -16.13 -10.97 -16.93
N GLU B 55 -15.38 -12.01 -16.56
CA GLU B 55 -15.47 -12.59 -15.23
C GLU B 55 -15.20 -11.54 -14.14
N MET B 56 -14.16 -10.73 -14.32
CA MET B 56 -13.83 -9.71 -13.32
C MET B 56 -14.83 -8.55 -13.36
N TRP B 57 -15.27 -8.18 -14.56
CA TRP B 57 -16.24 -7.11 -14.69
C TRP B 57 -17.55 -7.46 -13.96
N GLU B 58 -18.02 -8.70 -14.11
CA GLU B 58 -19.23 -9.12 -13.41
C GLU B 58 -19.06 -9.05 -11.89
N LEU B 59 -17.88 -9.40 -11.39
CA LEU B 59 -17.61 -9.30 -9.96
C LEU B 59 -17.64 -7.84 -9.49
N LEU B 60 -17.03 -6.91 -10.24
CA LEU B 60 -17.10 -5.49 -9.90
C LEU B 60 -18.53 -4.99 -9.84
N GLN B 61 -19.38 -5.50 -10.74
CA GLN B 61 -20.78 -5.11 -10.79
C GLN B 61 -21.55 -5.64 -9.61
N ARG B 62 -21.29 -6.89 -9.22
CA ARG B 62 -21.96 -7.48 -8.05
C ARG B 62 -21.61 -6.74 -6.77
N GLU B 63 -20.34 -6.34 -6.67
CA GLU B 63 -19.87 -5.58 -5.53
C GLU B 63 -20.48 -4.19 -5.50
N LYS B 64 -20.58 -3.55 -6.66
CA LYS B 64 -21.25 -2.25 -6.75
C LYS B 64 -22.71 -2.38 -6.32
N ASP B 65 -23.36 -3.44 -6.77
CA ASP B 65 -24.76 -3.72 -6.44
C ASP B 65 -24.93 -3.99 -4.94
N ARG B 66 -24.02 -4.79 -4.38
CA ARG B 66 -24.03 -5.06 -2.95
C ARG B 66 -23.84 -3.78 -2.13
N GLN B 67 -22.99 -2.87 -2.58
CA GLN B 67 -22.80 -1.57 -1.90
C GLN B 67 -24.05 -0.68 -2.00
N CYS B 68 -24.76 -0.77 -3.11
CA CYS B 68 -25.97 0.03 -3.36
C CYS B 68 -27.19 -0.46 -2.56
N ARG B 69 -27.40 -1.77 -2.52
CA ARG B 69 -28.56 -2.36 -1.86
C ARG B 69 -28.44 -2.48 -0.33
N GLY B 70 -27.27 -2.20 0.24
CA GLY B 70 -26.99 -2.50 1.65
C GLY B 70 -27.03 -1.31 2.57
N LEU B 71 -27.21 -1.58 3.85
CA LEU B 71 -27.07 -0.55 4.87
C LEU B 71 -25.70 -0.75 5.51
N GLU B 72 -24.76 0.10 5.11
CA GLU B 72 -23.38 -0.02 5.49
C GLU B 72 -23.17 0.77 6.77
N LEU B 73 -23.06 0.06 7.89
CA LEU B 73 -22.91 0.68 9.22
C LEU B 73 -21.53 0.45 9.88
N ILE B 74 -20.57 -0.09 9.13
CA ILE B 74 -19.20 -0.18 9.61
C ILE B 74 -18.61 1.23 9.61
N ALA B 75 -18.18 1.71 10.77
CA ALA B 75 -17.77 3.11 10.96
C ALA B 75 -16.46 3.49 10.28
N SER B 76 -15.68 2.50 9.85
CA SER B 76 -14.48 2.68 9.03
C SER B 76 -14.78 2.89 7.55
N GLU B 77 -15.99 2.51 7.15
CA GLU B 77 -16.36 2.40 5.76
C GLU B 77 -16.86 3.74 5.24
N ASN B 78 -16.64 3.99 3.96
CA ASN B 78 -17.15 5.16 3.28
C ASN B 78 -17.22 4.91 1.76
N PHE B 79 -17.83 5.85 1.03
CA PHE B 79 -17.94 5.74 -0.42
C PHE B 79 -17.17 6.87 -1.10
N CYS B 80 -16.13 6.47 -1.84
CA CYS B 80 -15.18 7.41 -2.43
C CYS B 80 -15.83 8.04 -3.66
N SER B 81 -15.49 9.32 -3.88
CA SER B 81 -16.00 10.06 -5.02
C SER B 81 -15.43 9.50 -6.31
N ARG B 82 -16.22 9.59 -7.37
CA ARG B 82 -15.80 9.27 -8.73
C ARG B 82 -14.55 10.05 -9.15
N ALA B 83 -14.51 11.32 -8.79
CA ALA B 83 -13.39 12.19 -9.07
C ALA B 83 -12.08 11.55 -8.62
N ALA B 84 -12.03 11.19 -7.34
CA ALA B 84 -10.84 10.58 -6.76
C ALA B 84 -10.57 9.19 -7.32
N LEU B 85 -11.61 8.40 -7.55
CA LEU B 85 -11.44 7.11 -8.21
C LEU B 85 -10.84 7.20 -9.63
N GLU B 86 -11.05 8.32 -10.33
CA GLU B 86 -10.44 8.53 -11.65
C GLU B 86 -8.94 8.74 -11.55
N ALA B 87 -8.49 9.43 -10.49
CA ALA B 87 -7.05 9.62 -10.23
C ALA B 87 -6.37 8.31 -9.82
N LEU B 88 -7.03 7.58 -8.93
CA LEU B 88 -6.60 6.26 -8.47
C LEU B 88 -6.43 5.26 -9.60
N GLY B 89 -7.33 5.28 -10.58
CA GLY B 89 -7.27 4.39 -11.74
C GLY B 89 -6.63 5.04 -12.97
N SER B 90 -5.46 5.63 -12.79
CA SER B 90 -4.83 6.44 -13.83
C SER B 90 -3.39 6.00 -14.17
N CYS B 91 -2.82 6.66 -15.16
CA CYS B 91 -1.44 6.42 -15.61
C CYS B 91 -0.40 6.72 -14.53
N LEU B 92 -0.78 7.42 -13.46
CA LEU B 92 0.10 7.63 -12.31
C LEU B 92 0.60 6.32 -11.65
N ASN B 93 -0.18 5.24 -11.76
CA ASN B 93 0.33 3.91 -11.45
C ASN B 93 1.64 3.51 -12.16
N ASN B 94 1.90 4.09 -13.34
CA ASN B 94 3.04 3.73 -14.17
C ASN B 94 4.34 4.45 -13.82
N LYS B 95 4.36 5.34 -12.83
CA LYS B 95 5.59 6.08 -12.53
C LYS B 95 6.20 5.68 -11.19
N TYR B 96 7.45 5.23 -11.26
CA TYR B 96 8.31 4.97 -10.11
C TYR B 96 8.92 6.31 -9.72
N SER B 97 8.76 6.73 -8.48
CA SER B 97 9.36 7.99 -8.03
C SER B 97 9.91 7.88 -6.62
N GLU B 98 10.77 6.90 -6.43
CA GLU B 98 11.39 6.69 -5.13
C GLU B 98 12.12 7.96 -4.67
N GLY B 99 11.93 8.29 -3.41
CA GLY B 99 12.49 9.49 -2.82
C GLY B 99 11.41 10.50 -2.59
N TYR B 100 11.78 11.78 -2.68
CA TYR B 100 10.88 12.91 -2.40
C TYR B 100 11.03 14.00 -3.46
N PRO B 101 10.05 14.91 -3.57
CA PRO B 101 10.12 16.02 -4.55
C PRO B 101 11.46 16.75 -4.56
N GLY B 102 12.05 16.90 -5.75
CA GLY B 102 13.38 17.50 -5.91
C GLY B 102 14.57 16.66 -5.45
N LYS B 103 14.29 15.51 -4.85
CA LYS B 103 15.28 14.65 -4.18
C LYS B 103 14.99 13.18 -4.60
N ARG B 104 14.78 12.99 -5.91
CA ARG B 104 14.43 11.67 -6.46
C ARG B 104 15.69 10.91 -6.79
N TYR B 105 15.56 9.59 -6.86
CA TYR B 105 16.71 8.75 -7.16
C TYR B 105 16.92 8.63 -8.67
N TYR B 106 15.89 8.98 -9.44
CA TYR B 106 15.99 9.06 -10.92
C TYR B 106 15.05 10.13 -11.51
N GLY B 107 15.17 10.34 -12.82
CA GLY B 107 14.53 11.45 -13.50
C GLY B 107 13.13 11.16 -13.98
N GLY B 108 12.54 12.18 -14.63
CA GLY B 108 11.19 12.08 -15.20
C GLY B 108 10.04 12.32 -14.22
N ALA B 109 10.36 12.80 -13.03
CA ALA B 109 9.38 12.98 -11.95
C ALA B 109 8.81 14.40 -11.81
N GLU B 110 9.07 15.29 -12.76
CA GLU B 110 8.65 16.72 -12.62
C GLU B 110 7.15 16.92 -12.36
N VAL B 111 6.31 16.09 -12.96
CA VAL B 111 4.86 16.20 -12.84
C VAL B 111 4.44 15.54 -11.53
N VAL B 112 4.90 14.31 -11.35
CA VAL B 112 4.70 13.54 -10.14
C VAL B 112 5.16 14.32 -8.88
N ASP B 113 6.24 15.10 -9.00
CA ASP B 113 6.68 16.04 -7.97
C ASP B 113 5.61 17.08 -7.62
N GLU B 114 5.02 17.70 -8.63
CA GLU B 114 3.97 18.70 -8.39
C GLU B 114 2.73 18.08 -7.76
N ILE B 115 2.43 16.83 -8.15
CA ILE B 115 1.32 16.12 -7.53
C ILE B 115 1.60 15.88 -6.05
N GLU B 116 2.82 15.50 -5.71
CA GLU B 116 3.14 15.24 -4.31
C GLU B 116 3.08 16.52 -3.51
N LEU B 117 3.79 17.55 -3.96
CA LEU B 117 3.78 18.87 -3.31
C LEU B 117 2.36 19.45 -3.20
N LEU B 118 1.54 19.25 -4.24
CA LEU B 118 0.15 19.70 -4.18
C LEU B 118 -0.60 18.96 -3.07
N CYS B 119 -0.48 17.63 -3.06
CA CYS B 119 -1.10 16.79 -2.02
C CYS B 119 -0.72 17.21 -0.60
N GLN B 120 0.55 17.56 -0.40
CA GLN B 120 1.02 18.04 0.90
C GLN B 120 0.30 19.33 1.30
N ARG B 121 0.35 20.33 0.42
CA ARG B 121 -0.28 21.64 0.66
C ARG B 121 -1.76 21.48 0.93
N ARG B 122 -2.42 20.65 0.13
CA ARG B 122 -3.84 20.37 0.36
C ARG B 122 -4.12 19.72 1.70
N ALA B 123 -3.20 18.87 2.16
CA ALA B 123 -3.32 18.23 3.46
C ALA B 123 -3.15 19.24 4.59
N LEU B 124 -2.11 20.07 4.51
CA LEU B 124 -1.88 21.09 5.54
C LEU B 124 -3.07 22.06 5.58
N GLU B 125 -3.55 22.45 4.40
CA GLU B 125 -4.76 23.28 4.30
C GLU B 125 -5.97 22.63 4.93
N ALA B 126 -6.22 21.38 4.61
CA ALA B 126 -7.39 20.67 5.14
C ALA B 126 -7.51 20.68 6.66
N PHE B 127 -6.37 20.74 7.34
CA PHE B 127 -6.32 20.71 8.80
C PHE B 127 -5.85 22.04 9.38
N ASP B 128 -5.85 23.08 8.55
CA ASP B 128 -5.62 24.45 8.97
C ASP B 128 -4.29 24.58 9.72
N LEU B 129 -3.24 24.04 9.09
CA LEU B 129 -1.92 23.98 9.69
C LEU B 129 -1.02 24.96 8.99
N ASP B 130 -0.21 25.67 9.78
CA ASP B 130 0.79 26.57 9.26
C ASP B 130 1.95 25.77 8.65
N PRO B 131 2.26 25.98 7.34
CA PRO B 131 3.45 25.40 6.67
C PRO B 131 4.78 25.55 7.41
N ALA B 132 4.94 26.61 8.18
CA ALA B 132 6.13 26.84 9.01
C ALA B 132 6.24 25.89 10.20
N GLN B 133 5.10 25.51 10.78
CA GLN B 133 5.05 24.71 12.01
C GLN B 133 4.68 23.23 11.82
N TRP B 134 4.24 22.85 10.61
CA TRP B 134 3.84 21.48 10.31
C TRP B 134 4.23 21.08 8.90
N GLY B 135 4.88 19.92 8.79
CA GLY B 135 5.11 19.25 7.50
C GLY B 135 4.20 18.04 7.42
N VAL B 136 4.16 17.41 6.26
CA VAL B 136 3.40 16.18 6.08
C VAL B 136 4.04 15.27 5.04
N ASN B 137 3.96 13.96 5.32
CA ASN B 137 4.41 12.92 4.40
C ASN B 137 3.17 12.26 3.83
N VAL B 138 3.07 12.24 2.50
CA VAL B 138 1.88 11.70 1.81
C VAL B 138 2.10 10.30 1.19
N GLN B 139 3.25 9.69 1.46
CA GLN B 139 3.59 8.39 0.84
C GLN B 139 3.10 7.11 1.50
N PRO B 140 2.76 7.09 2.82
CA PRO B 140 2.33 5.82 3.43
C PRO B 140 1.26 5.07 2.67
N TYR B 141 1.43 3.77 2.52
CA TYR B 141 0.53 2.96 1.71
C TYR B 141 -0.84 2.79 2.32
N SER B 142 -0.96 2.85 3.64
CA SER B 142 -2.25 2.81 4.31
C SER B 142 -2.05 3.41 5.70
N GLY B 143 -3.00 3.26 6.62
CA GLY B 143 -2.84 3.80 7.98
C GLY B 143 -1.87 3.02 8.84
N SER B 144 -1.89 1.69 8.71
CA SER B 144 -0.98 0.84 9.45
C SER B 144 0.50 1.11 9.09
N PRO B 145 0.85 1.18 7.79
CA PRO B 145 2.21 1.63 7.44
C PRO B 145 2.61 2.98 8.03
N ALA B 146 1.66 3.90 8.10
CA ALA B 146 1.91 5.23 8.63
C ALA B 146 2.32 5.15 10.10
N ASN B 147 1.61 4.36 10.89
CA ASN B 147 1.98 4.15 12.29
C ASN B 147 3.36 3.46 12.42
N LEU B 148 3.55 2.30 11.77
CA LEU B 148 4.88 1.65 11.76
C LEU B 148 5.99 2.62 11.41
N ALA B 149 5.81 3.46 10.40
CA ALA B 149 6.85 4.43 10.00
C ALA B 149 7.20 5.44 11.10
N VAL B 150 6.20 5.85 11.90
CA VAL B 150 6.44 6.78 13.01
C VAL B 150 7.26 6.08 14.08
N TYR B 151 6.85 4.87 14.44
CA TYR B 151 7.59 4.11 15.44
C TYR B 151 9.02 3.89 15.00
N THR B 152 9.24 3.48 13.74
CA THR B 152 10.64 3.24 13.30
C THR B 152 11.44 4.54 13.12
N ALA B 153 10.74 5.65 12.90
CA ALA B 153 11.39 6.96 12.79
C ALA B 153 11.89 7.50 14.12
N LEU B 154 11.13 7.30 15.19
CA LEU B 154 11.38 7.95 16.50
C LEU B 154 11.93 7.04 17.58
N LEU B 155 11.67 5.74 17.45
CA LEU B 155 12.06 4.77 18.45
C LEU B 155 13.12 3.79 17.93
N GLN B 156 13.87 3.25 18.89
CA GLN B 156 14.74 2.11 18.69
C GLN B 156 13.90 0.86 18.85
N PRO B 157 14.31 -0.26 18.21
CA PRO B 157 13.66 -1.52 18.49
C PRO B 157 13.57 -1.82 19.98
N HIS B 158 12.43 -2.34 20.41
CA HIS B 158 12.12 -2.62 21.82
C HIS B 158 11.91 -1.38 22.72
N ASP B 159 11.96 -0.16 22.17
CA ASP B 159 11.54 1.03 22.94
C ASP B 159 10.06 0.91 23.24
N ARG B 160 9.63 1.66 24.25
CA ARG B 160 8.34 1.41 24.84
C ARG B 160 7.20 2.29 24.28
N ILE B 161 6.05 1.66 24.10
CA ILE B 161 4.86 2.25 23.52
C ILE B 161 3.66 1.96 24.39
N MET B 162 2.80 2.97 24.58
CA MET B 162 1.49 2.80 25.23
C MET B 162 0.34 3.23 24.32
N GLY B 163 -0.64 2.35 24.17
CA GLY B 163 -1.83 2.63 23.38
C GLY B 163 -3.06 2.06 24.06
N LEU B 164 -4.23 2.56 23.69
CA LEU B 164 -5.49 2.05 24.24
C LEU B 164 -5.56 0.56 23.90
N ASP B 165 -5.90 -0.28 24.87
CA ASP B 165 -5.95 -1.71 24.62
C ASP B 165 -6.95 -2.00 23.49
N LEU B 166 -6.69 -3.04 22.70
CA LEU B 166 -7.51 -3.34 21.53
C LEU B 166 -8.97 -3.58 21.91
N PRO B 167 -9.24 -4.51 22.84
CA PRO B 167 -10.66 -4.74 23.20
C PRO B 167 -11.35 -3.57 23.95
N ASP B 168 -10.58 -2.60 24.46
CA ASP B 168 -11.13 -1.32 24.94
C ASP B 168 -11.29 -0.26 23.81
N GLY B 169 -11.11 -0.66 22.53
CA GLY B 169 -11.28 0.25 21.37
C GLY B 169 -10.03 0.87 20.72
N GLY B 170 -8.86 0.29 20.98
CA GLY B 170 -7.63 0.76 20.34
C GLY B 170 -7.43 0.00 19.04
N HIS B 171 -6.52 0.48 18.20
CA HIS B 171 -6.15 -0.24 16.98
C HIS B 171 -5.01 -1.25 17.20
N LEU B 172 -5.05 -2.36 16.46
CA LEU B 172 -3.92 -3.33 16.38
C LEU B 172 -2.55 -2.65 16.42
N THR B 173 -2.35 -1.65 15.58
CA THR B 173 -1.07 -1.02 15.38
C THR B 173 -0.63 -0.14 16.51
N HIS B 174 -1.46 -0.02 17.54
CA HIS B 174 -1.08 0.68 18.78
C HIS B 174 -0.34 -0.21 19.78
N GLY B 175 -0.07 -1.45 19.40
CA GLY B 175 0.55 -2.40 20.28
C GLY B 175 -0.61 -3.26 20.69
N TYR B 176 -0.56 -4.52 20.31
CA TYR B 176 -1.49 -5.48 20.82
C TYR B 176 -0.88 -6.86 20.85
N MET B 177 -0.78 -7.41 22.05
CA MET B 177 -0.42 -8.80 22.24
C MET B 177 -1.39 -9.43 23.22
N SER B 178 -1.51 -10.74 23.15
CA SER B 178 -2.42 -11.49 23.98
C SER B 178 -1.59 -12.14 25.09
N ASP B 179 -2.23 -12.99 25.87
CA ASP B 179 -1.56 -13.75 26.91
C ASP B 179 -0.70 -14.86 26.28
N VAL B 180 -1.10 -15.37 25.12
CA VAL B 180 -0.34 -16.42 24.42
C VAL B 180 0.77 -15.82 23.55
N LYS B 181 0.47 -14.83 22.72
CA LYS B 181 1.49 -14.30 21.77
C LYS B 181 1.39 -12.85 21.35
N ARG B 182 2.49 -12.40 20.71
CA ARG B 182 2.59 -11.05 20.16
C ARG B 182 1.85 -11.07 18.85
N ILE B 183 0.96 -10.08 18.66
CA ILE B 183 0.02 -10.14 17.56
C ILE B 183 0.28 -9.06 16.53
N SER B 184 0.29 -7.81 16.97
CA SER B 184 0.69 -6.72 16.12
C SER B 184 2.20 -6.69 16.04
N ALA B 185 2.71 -6.34 14.87
CA ALA B 185 4.14 -6.19 14.68
C ALA B 185 4.67 -5.03 15.52
N THR B 186 3.78 -4.11 15.87
CA THR B 186 4.10 -3.08 16.84
C THR B 186 4.60 -3.64 18.18
N SER B 187 4.02 -4.76 18.61
CA SER B 187 4.42 -5.48 19.82
C SER B 187 5.65 -6.39 19.67
N ILE B 188 5.98 -6.77 18.44
CA ILE B 188 7.13 -7.61 18.13
C ILE B 188 8.41 -6.78 18.14
N PHE B 189 8.40 -5.67 17.39
CA PHE B 189 9.58 -4.83 17.22
C PHE B 189 9.70 -3.74 18.27
N PHE B 190 8.64 -3.50 19.02
CA PHE B 190 8.65 -2.53 20.13
C PHE B 190 7.93 -3.16 21.33
N GLU B 191 8.05 -2.52 22.49
CA GLU B 191 7.50 -3.07 23.72
C GLU B 191 6.26 -2.25 24.09
N SER B 192 5.09 -2.88 23.96
CA SER B 192 3.84 -2.18 24.14
C SER B 192 3.21 -2.59 25.44
N MET B 193 2.72 -1.62 26.21
CA MET B 193 1.83 -1.87 27.33
C MET B 193 0.54 -1.08 27.10
N PRO B 194 -0.62 -1.76 27.15
CA PRO B 194 -1.88 -1.03 26.92
C PRO B 194 -2.33 -0.19 28.10
N TYR B 195 -3.00 0.93 27.82
CA TYR B 195 -3.85 1.60 28.80
C TYR B 195 -5.31 1.27 28.52
N LYS B 196 -6.18 1.58 29.49
CA LYS B 196 -7.52 1.01 29.49
C LYS B 196 -8.67 2.00 29.76
N LEU B 197 -9.88 1.50 29.57
CA LEU B 197 -11.10 2.23 29.92
C LEU B 197 -11.36 2.05 31.40
N ASN B 198 -11.92 3.10 32.00
CA ASN B 198 -12.62 3.00 33.30
C ASN B 198 -13.90 2.22 33.00
N PRO B 199 -14.03 0.97 33.52
CA PRO B 199 -15.24 0.20 33.14
C PRO B 199 -16.58 0.77 33.67
N LYS B 200 -16.53 1.69 34.65
CA LYS B 200 -17.71 2.37 35.19
C LYS B 200 -18.28 3.33 34.13
N THR B 201 -17.43 4.23 33.63
CA THR B 201 -17.85 5.29 32.72
C THR B 201 -17.79 4.93 31.22
N GLY B 202 -17.01 3.91 30.86
CA GLY B 202 -16.69 3.63 29.45
C GLY B 202 -15.81 4.68 28.77
N LEU B 203 -15.18 5.56 29.55
CA LEU B 203 -14.24 6.55 29.05
C LEU B 203 -12.80 6.04 29.26
N ILE B 204 -11.85 6.72 28.63
CA ILE B 204 -10.44 6.44 28.82
C ILE B 204 -10.04 6.83 30.26
N ASP B 205 -9.58 5.84 31.03
CA ASP B 205 -9.13 6.08 32.40
C ASP B 205 -7.81 6.86 32.36
N TYR B 206 -7.91 8.17 32.25
CA TYR B 206 -6.75 9.05 32.19
C TYR B 206 -5.90 9.05 33.47
N ASN B 207 -6.52 8.70 34.60
CA ASN B 207 -5.81 8.67 35.88
C ASN B 207 -4.88 7.47 35.93
N GLN B 208 -5.42 6.30 35.61
CA GLN B 208 -4.59 5.10 35.50
C GLN B 208 -3.48 5.24 34.45
N LEU B 209 -3.75 5.88 33.31
CA LEU B 209 -2.73 6.12 32.29
C LEU B 209 -1.54 6.86 32.90
N ALA B 210 -1.80 7.95 33.62
CA ALA B 210 -0.72 8.75 34.24
C ALA B 210 0.04 7.96 35.33
N LEU B 211 -0.71 7.27 36.20
CA LEU B 211 -0.14 6.36 37.23
C LEU B 211 0.80 5.34 36.60
N THR B 212 0.34 4.75 35.50
CA THR B 212 0.89 3.55 34.91
C THR B 212 2.04 3.91 33.93
N ALA B 213 2.01 5.11 33.35
CA ALA B 213 3.06 5.58 32.46
C ALA B 213 4.28 6.03 33.22
N ARG B 214 4.08 6.49 34.44
CA ARG B 214 5.21 6.77 35.34
C ARG B 214 6.05 5.54 35.61
N LEU B 215 5.39 4.39 35.74
CA LEU B 215 6.08 3.13 36.00
C LEU B 215 6.72 2.54 34.74
N PHE B 216 5.95 2.47 33.66
CA PHE B 216 6.38 1.84 32.39
C PHE B 216 7.40 2.66 31.60
N ARG B 217 7.38 3.98 31.77
CA ARG B 217 8.33 4.86 31.09
C ARG B 217 8.29 4.71 29.54
N PRO B 218 7.11 4.92 28.91
CA PRO B 218 7.03 4.85 27.45
C PRO B 218 7.75 5.99 26.77
N ARG B 219 8.26 5.74 25.57
CA ARG B 219 8.90 6.77 24.77
C ARG B 219 7.86 7.45 23.87
N LEU B 220 6.73 6.77 23.67
CA LEU B 220 5.69 7.22 22.75
C LEU B 220 4.36 6.79 23.32
N ILE B 221 3.38 7.71 23.38
CA ILE B 221 2.01 7.33 23.77
C ILE B 221 1.04 7.73 22.67
N ILE B 222 0.10 6.84 22.39
CA ILE B 222 -0.81 7.00 21.26
C ILE B 222 -2.20 7.39 21.76
N ALA B 223 -2.67 8.55 21.29
CA ALA B 223 -4.05 9.00 21.49
C ALA B 223 -4.87 8.77 20.22
N GLY B 224 -5.60 7.66 20.17
CA GLY B 224 -6.42 7.35 19.00
C GLY B 224 -7.20 6.06 19.16
N THR B 225 -8.32 5.96 18.43
CA THR B 225 -9.25 4.85 18.64
C THR B 225 -9.81 4.28 17.35
N SER B 226 -10.18 3.01 17.40
CA SER B 226 -10.99 2.36 16.39
C SER B 226 -12.47 2.20 16.81
N ALA B 227 -12.75 2.28 18.11
CA ALA B 227 -14.06 1.94 18.64
C ALA B 227 -14.28 2.70 19.94
N TYR B 228 -14.53 3.98 19.78
CA TYR B 228 -14.70 4.90 20.90
C TYR B 228 -15.59 6.06 20.47
N ALA B 229 -16.71 6.21 21.19
CA ALA B 229 -17.76 7.15 20.84
C ALA B 229 -17.53 8.56 21.34
N ARG B 230 -16.47 8.81 22.13
CA ARG B 230 -16.26 10.11 22.77
C ARG B 230 -15.02 10.78 22.28
N LEU B 231 -14.87 12.04 22.67
CA LEU B 231 -13.68 12.83 22.32
C LEU B 231 -12.53 12.47 23.26
N ILE B 232 -11.30 12.56 22.73
CA ILE B 232 -10.10 12.25 23.49
C ILE B 232 -9.55 13.55 24.07
N ASP B 233 -9.22 13.53 25.34
CA ASP B 233 -8.70 14.71 26.01
C ASP B 233 -7.19 14.84 25.68
N TYR B 234 -6.90 15.46 24.55
CA TYR B 234 -5.53 15.61 24.06
C TYR B 234 -4.69 16.54 24.94
N ALA B 235 -5.35 17.45 25.67
CA ALA B 235 -4.67 18.29 26.66
C ALA B 235 -4.10 17.42 27.79
N ARG B 236 -4.92 16.49 28.28
CA ARG B 236 -4.53 15.57 29.34
C ARG B 236 -3.51 14.53 28.85
N MET B 237 -3.59 14.12 27.58
CA MET B 237 -2.60 13.22 27.01
C MET B 237 -1.23 13.90 26.95
N ARG B 238 -1.20 15.16 26.55
CA ARG B 238 0.05 15.92 26.47
C ARG B 238 0.68 16.15 27.85
N GLU B 239 -0.15 16.31 28.89
CA GLU B 239 0.36 16.46 30.28
C GLU B 239 1.10 15.21 30.75
N VAL B 240 0.47 14.05 30.56
CA VAL B 240 1.13 12.77 30.81
C VAL B 240 2.41 12.70 29.99
N CYS B 241 2.31 12.92 28.68
CA CYS B 241 3.48 12.87 27.79
C CYS B 241 4.59 13.85 28.17
N ASP B 242 4.22 15.03 28.68
CA ASP B 242 5.22 16.02 29.12
C ASP B 242 5.92 15.55 30.40
N GLU B 243 5.17 14.91 31.30
CA GLU B 243 5.70 14.46 32.59
C GLU B 243 6.71 13.32 32.40
N VAL B 244 6.24 12.21 31.81
CA VAL B 244 7.09 11.04 31.52
C VAL B 244 8.01 11.20 30.30
N LYS B 245 7.99 12.38 29.66
CA LYS B 245 8.87 12.70 28.54
C LYS B 245 8.74 11.72 27.35
N ALA B 246 7.48 11.50 26.95
CA ALA B 246 7.11 10.68 25.80
C ALA B 246 6.63 11.56 24.67
N HIS B 247 6.75 11.06 23.44
CA HIS B 247 6.13 11.68 22.28
C HIS B 247 4.65 11.39 22.34
N LEU B 248 3.84 12.39 22.01
CA LEU B 248 2.41 12.20 21.82
C LEU B 248 2.09 12.02 20.34
N LEU B 249 1.60 10.83 20.00
CA LEU B 249 1.10 10.53 18.66
C LEU B 249 -0.42 10.47 18.68
N ALA B 250 -1.06 11.37 17.92
CA ALA B 250 -2.51 11.29 17.72
C ALA B 250 -2.78 10.52 16.45
N ASP B 251 -3.58 9.47 16.54
CA ASP B 251 -3.93 8.66 15.38
C ASP B 251 -5.42 8.90 15.14
N MET B 252 -5.70 9.87 14.26
CA MET B 252 -7.07 10.34 14.02
C MET B 252 -7.80 9.64 12.85
N ALA B 253 -7.29 8.49 12.41
CA ALA B 253 -7.85 7.72 11.30
C ALA B 253 -9.38 7.74 11.24
N HIS B 254 -10.02 7.25 12.29
CA HIS B 254 -11.48 7.23 12.35
C HIS B 254 -12.17 8.61 12.24
N ILE B 255 -11.53 9.64 12.78
CA ILE B 255 -12.16 10.95 12.98
C ILE B 255 -11.54 12.09 12.15
N SER B 256 -10.72 11.76 11.16
CA SER B 256 -9.93 12.79 10.44
C SER B 256 -10.79 13.79 9.66
N GLY B 257 -11.89 13.29 9.09
CA GLY B 257 -12.84 14.13 8.37
C GLY B 257 -13.51 15.14 9.28
N LEU B 258 -13.91 14.66 10.46
CA LEU B 258 -14.54 15.49 11.48
C LEU B 258 -13.59 16.60 11.98
N VAL B 259 -12.30 16.29 12.07
CA VAL B 259 -11.28 17.26 12.52
C VAL B 259 -11.02 18.31 11.46
N ALA B 260 -11.00 17.89 10.19
CA ALA B 260 -10.72 18.80 9.08
C ALA B 260 -11.87 19.81 8.95
N ALA B 261 -13.09 19.29 9.04
CA ALA B 261 -14.32 20.10 9.03
C ALA B 261 -14.50 21.01 10.25
N LYS B 262 -13.77 20.74 11.33
CA LYS B 262 -13.76 21.55 12.57
C LYS B 262 -15.08 21.37 13.34
N VAL B 263 -15.65 20.18 13.25
CA VAL B 263 -16.89 19.85 13.97
C VAL B 263 -16.61 19.15 15.31
N ILE B 264 -15.33 18.80 15.55
CA ILE B 264 -14.79 18.39 16.86
C ILE B 264 -13.41 19.05 17.05
N PRO B 265 -12.92 19.13 18.29
CA PRO B 265 -11.62 19.79 18.46
C PRO B 265 -10.46 18.95 17.91
N SER B 266 -9.42 19.67 17.50
CA SER B 266 -8.33 19.16 16.68
C SER B 266 -7.18 18.60 17.55
N PRO B 267 -6.73 17.34 17.30
CA PRO B 267 -5.53 16.77 17.93
C PRO B 267 -4.24 17.56 17.71
N PHE B 268 -4.20 18.36 16.66
CA PHE B 268 -3.02 19.15 16.28
C PHE B 268 -2.67 20.24 17.29
N LYS B 269 -3.60 20.56 18.20
CA LYS B 269 -3.35 21.58 19.22
C LYS B 269 -2.32 21.08 20.23
N HIS B 270 -2.34 19.78 20.52
CA HIS B 270 -1.52 19.18 21.58
C HIS B 270 -0.53 18.09 21.13
N ALA B 271 -0.63 17.61 19.88
CA ALA B 271 0.15 16.46 19.44
C ALA B 271 1.44 16.86 18.70
N ASP B 272 2.47 16.04 18.87
CA ASP B 272 3.77 16.20 18.19
C ASP B 272 3.63 15.70 16.74
N ILE B 273 3.00 14.52 16.64
CA ILE B 273 2.86 13.73 15.43
C ILE B 273 1.41 13.31 15.29
N VAL B 274 0.87 13.43 14.08
CA VAL B 274 -0.47 12.92 13.79
C VAL B 274 -0.37 11.98 12.60
N THR B 275 -0.91 10.77 12.74
CA THR B 275 -1.11 9.87 11.63
C THR B 275 -2.59 9.78 11.30
N THR B 276 -2.89 9.45 10.05
CA THR B 276 -4.26 9.11 9.66
C THR B 276 -4.32 8.29 8.37
N THR B 277 -5.44 7.59 8.22
CA THR B 277 -5.93 7.14 6.94
C THR B 277 -6.44 8.31 6.11
N THR B 278 -6.48 8.12 4.81
CA THR B 278 -7.08 9.07 3.87
C THR B 278 -8.48 8.63 3.44
N HIS B 279 -8.78 7.35 3.66
CA HIS B 279 -10.13 6.81 3.52
C HIS B 279 -10.90 7.10 4.83
N LYS B 280 -11.92 6.31 5.18
CA LYS B 280 -12.72 6.56 6.41
C LYS B 280 -13.45 7.89 6.27
N THR B 281 -13.37 8.80 7.25
CA THR B 281 -14.15 10.05 7.20
C THR B 281 -13.62 11.09 6.22
N LEU B 282 -12.33 11.02 5.88
CA LEU B 282 -11.78 11.86 4.81
C LEU B 282 -12.28 11.48 3.41
N ARG B 283 -12.83 10.28 3.26
CA ARG B 283 -13.58 9.87 2.08
C ARG B 283 -12.71 9.78 0.81
N GLY B 284 -11.42 9.51 1.00
CA GLY B 284 -10.48 9.37 -0.10
C GLY B 284 -10.22 7.94 -0.50
N ALA B 285 -9.19 7.77 -1.33
CA ALA B 285 -8.68 6.45 -1.65
C ALA B 285 -7.92 5.91 -0.44
N ARG B 286 -7.69 4.60 -0.42
CA ARG B 286 -6.90 3.98 0.65
C ARG B 286 -5.44 4.41 0.58
N SER B 287 -5.04 5.16 1.60
CA SER B 287 -3.68 5.64 1.76
C SER B 287 -3.50 6.07 3.21
N GLY B 288 -2.36 6.70 3.51
CA GLY B 288 -2.09 7.20 4.85
C GLY B 288 -1.31 8.49 4.80
N LEU B 289 -1.31 9.20 5.93
CA LEU B 289 -0.59 10.46 6.05
C LEU B 289 0.12 10.52 7.38
N ILE B 290 1.27 11.20 7.42
CA ILE B 290 1.98 11.47 8.67
C ILE B 290 2.24 12.96 8.72
N PHE B 291 1.62 13.63 9.70
CA PHE B 291 1.89 15.03 9.99
C PHE B 291 2.89 15.08 11.13
N TYR B 292 3.79 16.06 11.06
CA TYR B 292 4.84 16.22 12.05
C TYR B 292 5.13 17.71 12.22
N ARG B 293 5.45 18.11 13.44
CA ARG B 293 5.84 19.50 13.69
C ARG B 293 7.23 19.74 13.17
N LYS B 294 7.48 20.94 12.68
CA LYS B 294 8.80 21.36 12.18
C LYS B 294 9.13 22.77 12.66
N GLY B 295 10.34 23.25 12.36
CA GLY B 295 10.80 24.56 12.80
C GLY B 295 11.24 24.56 14.26
N VAL B 296 11.12 25.72 14.92
CA VAL B 296 11.71 25.96 16.24
C VAL B 296 10.84 25.37 17.38
N LYS B 297 11.49 24.69 18.33
CA LYS B 297 10.78 24.02 19.41
C LYS B 297 10.56 25.00 20.57
N ALA B 298 11.64 25.44 21.21
CA ALA B 298 11.60 26.20 22.48
C ALA B 298 12.20 27.59 22.30
N ILE B 307 17.19 25.78 18.47
CA ILE B 307 16.86 24.51 19.12
C ILE B 307 15.65 23.78 18.41
N PRO B 308 15.84 23.34 17.14
CA PRO B 308 14.73 22.87 16.29
C PRO B 308 14.18 21.47 16.59
N TYR B 309 12.91 21.27 16.19
CA TYR B 309 12.31 19.94 16.03
C TYR B 309 13.11 19.13 15.03
N THR B 310 13.24 17.83 15.27
CA THR B 310 13.99 16.94 14.36
C THR B 310 13.11 15.78 13.84
N PHE B 311 11.80 15.98 13.79
CA PHE B 311 10.88 14.95 13.30
C PHE B 311 10.95 14.75 11.78
N GLU B 312 11.06 15.85 11.03
CA GLU B 312 10.88 15.83 9.57
C GLU B 312 11.81 14.85 8.87
N ASP B 313 13.11 15.02 9.09
CA ASP B 313 14.11 14.15 8.47
C ASP B 313 13.97 12.67 8.87
N ARG B 314 13.68 12.40 10.15
CA ARG B 314 13.52 11.04 10.64
C ARG B 314 12.29 10.36 10.08
N ILE B 315 11.18 11.08 10.07
CA ILE B 315 9.90 10.57 9.58
C ILE B 315 10.02 10.23 8.09
N ASN B 316 10.48 11.20 7.31
CA ASN B 316 10.64 11.00 5.86
C ASN B 316 11.58 9.86 5.50
N PHE B 317 12.66 9.70 6.27
CA PHE B 317 13.63 8.62 6.02
C PHE B 317 13.04 7.27 6.35
N ALA B 318 12.27 7.18 7.42
CA ALA B 318 11.62 5.93 7.81
C ALA B 318 10.65 5.43 6.76
N VAL B 319 9.92 6.36 6.15
CA VAL B 319 8.96 6.03 5.10
C VAL B 319 9.74 5.54 3.88
N PHE B 320 10.74 6.33 3.46
CA PHE B 320 11.67 5.93 2.42
C PHE B 320 13.04 6.59 2.66
N PRO B 321 14.12 5.79 2.75
CA PRO B 321 14.23 4.41 2.25
C PRO B 321 14.03 3.20 3.20
N SER B 322 13.67 3.44 4.47
CA SER B 322 13.62 2.34 5.42
C SER B 322 12.50 1.34 5.18
N LEU B 323 11.26 1.79 5.02
CA LEU B 323 10.14 0.85 5.01
C LEU B 323 9.56 0.56 3.64
N GLN B 324 9.37 1.61 2.84
CA GLN B 324 8.59 1.50 1.61
C GLN B 324 9.47 1.52 0.38
N GLY B 325 8.87 1.17 -0.76
CA GLY B 325 9.52 1.26 -2.05
C GLY B 325 8.94 2.46 -2.78
N GLY B 326 8.56 2.24 -4.04
CA GLY B 326 8.01 3.29 -4.86
C GLY B 326 6.69 3.80 -4.28
N PRO B 327 6.47 5.13 -4.30
CA PRO B 327 5.15 5.62 -3.89
C PRO B 327 4.07 5.18 -4.85
N HIS B 328 2.85 5.11 -4.34
CA HIS B 328 1.69 4.82 -5.16
C HIS B 328 1.11 6.16 -5.57
N ASN B 329 1.70 6.73 -6.62
CA ASN B 329 1.41 8.10 -7.05
C ASN B 329 -0.06 8.30 -7.45
N HIS B 330 -0.67 7.24 -7.96
CA HIS B 330 -2.12 7.21 -8.18
C HIS B 330 -2.94 7.43 -6.89
N ALA B 331 -2.58 6.75 -5.79
CA ALA B 331 -3.23 6.96 -4.49
C ALA B 331 -3.01 8.40 -4.00
N ILE B 332 -1.77 8.87 -4.14
CA ILE B 332 -1.37 10.21 -3.71
C ILE B 332 -2.26 11.24 -4.36
N ALA B 333 -2.49 11.07 -5.67
CA ALA B 333 -3.35 11.97 -6.45
C ALA B 333 -4.82 11.89 -6.03
N ALA B 334 -5.34 10.67 -5.84
CA ALA B 334 -6.71 10.50 -5.36
C ALA B 334 -6.89 11.09 -3.96
N VAL B 335 -5.86 10.97 -3.13
CA VAL B 335 -5.84 11.61 -1.81
C VAL B 335 -5.89 13.13 -1.97
N ALA B 336 -5.09 13.68 -2.86
CA ALA B 336 -5.10 15.13 -3.09
C ALA B 336 -6.50 15.62 -3.51
N VAL B 337 -7.15 14.87 -4.39
CA VAL B 337 -8.52 15.16 -4.81
C VAL B 337 -9.42 15.19 -3.58
N ALA B 338 -9.35 14.15 -2.75
CA ALA B 338 -10.19 14.05 -1.58
C ALA B 338 -9.92 15.13 -0.52
N LEU B 339 -8.67 15.58 -0.42
CA LEU B 339 -8.33 16.65 0.51
C LEU B 339 -8.86 18.02 0.07
N LYS B 340 -8.96 18.24 -1.24
CA LYS B 340 -9.57 19.46 -1.77
C LYS B 340 -11.05 19.46 -1.39
N GLN B 341 -11.72 18.34 -1.68
CA GLN B 341 -13.12 18.16 -1.28
C GLN B 341 -13.32 18.43 0.23
N ALA B 342 -12.35 18.04 1.04
CA ALA B 342 -12.43 18.23 2.49
C ALA B 342 -12.36 19.67 2.95
N CYS B 343 -11.77 20.54 2.13
CA CYS B 343 -11.65 21.97 2.43
C CYS B 343 -12.91 22.81 2.15
N THR B 344 -13.93 22.21 1.54
CA THR B 344 -15.09 22.96 1.06
C THR B 344 -16.25 22.99 2.06
N PRO B 345 -17.14 24.01 1.95
CA PRO B 345 -18.28 24.10 2.89
C PRO B 345 -19.23 22.89 2.79
N MET B 346 -19.37 22.33 1.58
CA MET B 346 -20.01 21.03 1.35
C MET B 346 -19.58 19.96 2.35
N PHE B 347 -18.27 19.88 2.61
CA PHE B 347 -17.71 18.87 3.49
C PHE B 347 -17.97 19.11 4.97
N ARG B 348 -17.81 20.36 5.42
CA ARG B 348 -18.25 20.79 6.75
C ARG B 348 -19.72 20.44 7.03
N GLU B 349 -20.58 20.53 6.00
CA GLU B 349 -21.99 20.15 6.12
C GLU B 349 -22.15 18.63 6.19
N TYR B 350 -21.42 17.91 5.32
CA TYR B 350 -21.30 16.45 5.41
C TYR B 350 -20.93 16.01 6.81
N SER B 351 -19.89 16.62 7.36
CA SER B 351 -19.35 16.22 8.66
C SER B 351 -20.35 16.53 9.79
N LEU B 352 -20.97 17.72 9.74
CA LEU B 352 -22.03 18.09 10.70
C LEU B 352 -23.15 17.07 10.65
N GLN B 353 -23.52 16.64 9.45
CA GLN B 353 -24.61 15.68 9.30
C GLN B 353 -24.21 14.34 9.88
N VAL B 354 -22.93 13.98 9.71
CA VAL B 354 -22.37 12.76 10.30
C VAL B 354 -22.59 12.79 11.82
N LEU B 355 -22.22 13.89 12.46
CA LEU B 355 -22.45 14.06 13.91
C LEU B 355 -23.93 13.91 14.30
N LYS B 356 -24.80 14.62 13.59
CA LYS B 356 -26.24 14.61 13.87
C LYS B 356 -26.86 13.25 13.62
N ASN B 357 -26.45 12.59 12.54
CA ASN B 357 -26.92 11.23 12.23
C ASN B 357 -26.54 10.19 13.29
N ALA B 358 -25.35 10.38 13.89
CA ALA B 358 -24.85 9.45 14.91
C ALA B 358 -25.68 9.54 16.17
N ARG B 359 -25.86 10.76 16.68
CA ARG B 359 -26.71 10.97 17.87
C ARG B 359 -28.19 10.66 17.63
N ALA B 360 -28.67 10.83 16.40
CA ALA B 360 -30.00 10.35 16.03
C ALA B 360 -30.12 8.83 16.12
N MET B 361 -29.06 8.13 15.72
CA MET B 361 -28.99 6.68 15.87
C MET B 361 -28.90 6.27 17.36
N ALA B 362 -28.12 7.03 18.13
CA ALA B 362 -27.96 6.80 19.58
C ALA B 362 -29.31 6.99 20.30
N ASP B 363 -29.85 8.22 20.21
CA ASP B 363 -31.13 8.57 20.82
C ASP B 363 -32.21 7.56 20.45
N ALA B 364 -32.26 7.20 19.16
CA ALA B 364 -33.18 6.17 18.67
C ALA B 364 -32.98 4.83 19.36
N LEU B 365 -31.73 4.41 19.53
CA LEU B 365 -31.44 3.14 20.22
C LEU B 365 -31.76 3.21 21.72
N LEU B 366 -31.43 4.34 22.36
CA LEU B 366 -31.82 4.61 23.75
C LEU B 366 -33.33 4.48 23.92
N GLU B 367 -34.08 5.11 23.01
CA GLU B 367 -35.56 5.09 23.00
C GLU B 367 -36.19 3.74 22.63
N ARG B 368 -35.47 2.85 21.97
CA ARG B 368 -35.89 1.44 21.88
C ARG B 368 -35.37 0.62 23.10
N GLY B 369 -34.71 1.29 24.05
CA GLY B 369 -34.31 0.69 25.33
C GLY B 369 -32.91 0.07 25.38
N TYR B 370 -32.17 0.11 24.27
CA TYR B 370 -30.81 -0.41 24.21
C TYR B 370 -29.89 0.42 25.12
N SER B 371 -28.80 -0.21 25.56
CA SER B 371 -27.78 0.47 26.33
C SER B 371 -26.57 0.79 25.45
N LEU B 372 -25.96 1.95 25.70
CA LEU B 372 -24.81 2.42 24.94
C LEU B 372 -23.58 2.58 25.83
N VAL B 373 -22.45 2.05 25.36
CA VAL B 373 -21.17 2.23 26.06
C VAL B 373 -20.80 3.70 26.05
N SER B 374 -20.49 4.23 27.24
CA SER B 374 -20.30 5.68 27.47
C SER B 374 -21.60 6.51 27.49
N GLY B 375 -22.76 5.85 27.36
CA GLY B 375 -24.07 6.52 27.37
C GLY B 375 -24.54 7.27 26.12
N GLY B 376 -23.70 7.31 25.08
CA GLY B 376 -23.97 8.12 23.89
C GLY B 376 -22.75 8.29 22.99
N THR B 377 -22.70 9.42 22.29
CA THR B 377 -21.63 9.69 21.33
C THR B 377 -21.43 11.17 21.13
N ASP B 378 -20.18 11.55 20.91
CA ASP B 378 -19.81 12.93 20.53
C ASP B 378 -19.15 12.93 19.15
N ASN B 379 -19.22 11.81 18.43
CA ASN B 379 -18.57 11.70 17.13
C ASN B 379 -19.43 10.90 16.14
N HIS B 380 -18.79 10.10 15.29
CA HIS B 380 -19.41 9.53 14.10
C HIS B 380 -19.97 8.15 14.33
N LEU B 381 -19.78 7.59 15.51
CA LEU B 381 -20.22 6.23 15.78
C LEU B 381 -20.89 6.08 17.13
N VAL B 382 -21.54 4.93 17.31
CA VAL B 382 -22.17 4.54 18.57
C VAL B 382 -21.78 3.12 18.92
N LEU B 383 -21.50 2.91 20.20
CA LEU B 383 -21.12 1.62 20.73
C LEU B 383 -22.33 1.12 21.46
N VAL B 384 -22.91 0.03 20.97
CA VAL B 384 -24.15 -0.49 21.49
C VAL B 384 -23.81 -1.72 22.28
N ASP B 385 -24.11 -1.70 23.58
CA ASP B 385 -23.92 -2.86 24.46
C ASP B 385 -25.19 -3.71 24.34
N LEU B 386 -25.08 -4.88 23.72
CA LEU B 386 -26.26 -5.77 23.57
C LEU B 386 -26.45 -6.77 24.73
N ARG B 387 -25.53 -6.78 25.70
CA ARG B 387 -25.71 -7.58 26.92
C ARG B 387 -26.98 -7.15 27.70
N PRO B 388 -27.18 -5.83 27.99
CA PRO B 388 -28.46 -5.37 28.59
C PRO B 388 -29.76 -5.55 27.77
N LYS B 389 -29.67 -6.07 26.54
CA LYS B 389 -30.83 -6.49 25.75
C LYS B 389 -31.00 -8.01 25.78
N GLY B 390 -30.08 -8.73 26.40
CA GLY B 390 -30.11 -10.18 26.41
C GLY B 390 -29.59 -10.82 25.14
N LEU B 391 -28.70 -10.12 24.43
CA LEU B 391 -28.00 -10.66 23.25
C LEU B 391 -26.52 -10.27 23.28
N ASP B 392 -25.78 -10.69 22.27
CA ASP B 392 -24.37 -10.33 22.08
C ASP B 392 -24.12 -9.77 20.67
N GLY B 393 -22.88 -9.37 20.41
CA GLY B 393 -22.44 -8.91 19.10
C GLY B 393 -22.41 -9.99 18.04
N ALA B 394 -21.89 -11.16 18.41
CA ALA B 394 -21.72 -12.26 17.46
C ALA B 394 -23.02 -12.68 16.80
N ARG B 395 -24.08 -12.72 17.60
CA ARG B 395 -25.41 -13.15 17.16
C ARG B 395 -26.10 -12.08 16.33
N ALA B 396 -26.11 -10.87 16.89
CA ALA B 396 -26.65 -9.69 16.22
C ALA B 396 -26.02 -9.47 14.84
N GLU B 397 -24.70 -9.64 14.75
CA GLU B 397 -23.94 -9.40 13.50
C GLU B 397 -24.40 -10.32 12.38
N ARG B 398 -24.46 -11.61 12.66
CA ARG B 398 -24.80 -12.60 11.64
C ARG B 398 -26.27 -12.47 11.18
N VAL B 399 -27.16 -12.05 12.08
CA VAL B 399 -28.56 -11.77 11.70
C VAL B 399 -28.56 -10.55 10.79
N LEU B 400 -27.98 -9.46 11.28
CA LEU B 400 -27.90 -8.22 10.51
C LEU B 400 -27.27 -8.43 9.12
N GLU B 401 -26.18 -9.19 9.06
CA GLU B 401 -25.50 -9.52 7.80
C GLU B 401 -26.46 -10.16 6.78
N LEU B 402 -27.21 -11.18 7.22
CA LEU B 402 -28.15 -11.90 6.35
C LEU B 402 -29.31 -11.05 5.82
N VAL B 403 -29.53 -9.88 6.41
CA VAL B 403 -30.48 -8.88 5.88
C VAL B 403 -29.79 -7.61 5.32
N SER B 404 -28.58 -7.78 4.77
CA SER B 404 -27.81 -6.70 4.12
C SER B 404 -27.50 -5.47 5.00
N ILE B 405 -27.38 -5.69 6.30
CA ILE B 405 -26.95 -4.65 7.24
C ILE B 405 -25.60 -5.12 7.77
N THR B 406 -24.57 -4.31 7.54
CA THR B 406 -23.20 -4.70 7.87
C THR B 406 -22.67 -3.82 8.99
N ALA B 407 -22.48 -4.46 10.14
CA ALA B 407 -21.87 -3.84 11.31
C ALA B 407 -20.75 -4.70 11.91
N ASN B 408 -20.04 -4.08 12.85
CA ASN B 408 -18.79 -4.56 13.41
C ASN B 408 -19.03 -5.00 14.85
N LYS B 409 -18.46 -6.14 15.27
CA LYS B 409 -18.53 -6.52 16.70
C LYS B 409 -17.65 -5.61 17.56
N ASN B 410 -18.02 -5.50 18.82
CA ASN B 410 -17.34 -4.66 19.78
C ASN B 410 -17.33 -5.37 21.13
N THR B 411 -16.14 -5.55 21.73
CA THR B 411 -16.05 -6.08 23.08
C THR B 411 -16.34 -4.88 24.01
N CYS B 412 -17.30 -5.03 24.90
CA CYS B 412 -17.70 -3.95 25.80
C CYS B 412 -17.12 -4.15 27.20
N PRO B 413 -16.95 -3.06 27.95
CA PRO B 413 -16.49 -3.14 29.35
C PRO B 413 -17.18 -4.24 30.17
N GLY B 414 -18.52 -4.34 30.07
CA GLY B 414 -19.31 -5.26 30.88
C GLY B 414 -19.36 -6.72 30.48
N ASP B 415 -18.60 -7.13 29.45
CA ASP B 415 -18.63 -8.51 28.93
C ASP B 415 -18.24 -9.56 29.95
N ARG B 416 -19.19 -10.44 30.27
CA ARG B 416 -18.95 -11.56 31.21
C ARG B 416 -18.18 -12.74 30.57
N SER B 417 -18.32 -12.91 29.25
CA SER B 417 -17.49 -13.84 28.47
C SER B 417 -16.44 -13.06 27.68
N ALA B 418 -15.18 -13.49 27.77
CA ALA B 418 -14.07 -12.86 27.04
C ALA B 418 -14.07 -13.16 25.53
N ILE B 419 -14.67 -14.28 25.11
CA ILE B 419 -14.64 -14.75 23.71
C ILE B 419 -15.90 -14.45 22.86
N THR B 420 -17.01 -14.07 23.52
CA THR B 420 -18.22 -13.56 22.85
C THR B 420 -18.30 -12.05 23.08
N PRO B 421 -18.09 -11.23 22.03
CA PRO B 421 -18.25 -9.79 22.24
C PRO B 421 -19.69 -9.44 22.57
N GLY B 422 -19.87 -8.47 23.44
CA GLY B 422 -21.19 -8.12 23.97
C GLY B 422 -21.98 -7.20 23.07
N GLY B 423 -21.28 -6.41 22.24
CA GLY B 423 -21.89 -5.31 21.53
C GLY B 423 -21.60 -5.17 20.04
N LEU B 424 -21.68 -3.93 19.56
CA LEU B 424 -21.70 -3.60 18.13
C LEU B 424 -21.24 -2.15 17.94
N ARG B 425 -20.36 -1.91 16.97
CA ARG B 425 -20.07 -0.54 16.49
C ARG B 425 -20.96 -0.26 15.29
N LEU B 426 -21.59 0.91 15.33
CA LEU B 426 -22.48 1.39 14.29
C LEU B 426 -21.99 2.76 13.95
N GLY B 427 -21.75 2.99 12.67
CA GLY B 427 -21.24 4.25 12.18
C GLY B 427 -22.16 4.97 11.23
N ALA B 428 -22.10 6.29 11.27
CA ALA B 428 -22.82 7.16 10.34
C ALA B 428 -22.17 7.38 8.94
N PRO B 429 -20.84 7.65 8.87
CA PRO B 429 -20.24 8.24 7.66
C PRO B 429 -20.65 7.68 6.31
N ALA B 430 -20.76 6.36 6.22
CA ALA B 430 -21.00 5.72 4.94
C ALA B 430 -22.40 6.08 4.41
N LEU B 431 -23.43 5.81 5.21
CA LEU B 431 -24.80 6.13 4.82
C LEU B 431 -25.05 7.62 4.72
N THR B 432 -24.36 8.43 5.52
CA THR B 432 -24.44 9.90 5.39
C THR B 432 -23.94 10.36 4.01
N SER B 433 -22.93 9.69 3.46
CA SER B 433 -22.45 10.01 2.12
C SER B 433 -23.47 9.70 1.02
N ARG B 434 -24.42 8.80 1.32
CA ARG B 434 -25.59 8.54 0.48
C ARG B 434 -26.79 9.48 0.78
N GLN B 435 -26.49 10.65 1.33
CA GLN B 435 -27.48 11.68 1.67
C GLN B 435 -28.54 11.24 2.71
N PHE B 436 -28.21 10.28 3.59
CA PHE B 436 -29.07 9.96 4.74
C PHE B 436 -29.12 11.13 5.69
N ARG B 437 -30.27 11.27 6.35
CA ARG B 437 -30.52 12.28 7.37
C ARG B 437 -31.15 11.58 8.58
N GLU B 438 -31.47 12.36 9.61
CA GLU B 438 -31.88 11.85 10.93
C GLU B 438 -33.00 10.81 10.81
N ASP B 439 -34.05 11.14 10.05
CA ASP B 439 -35.20 10.22 9.89
C ASP B 439 -34.79 8.91 9.22
N ASP B 440 -33.84 8.99 8.29
CA ASP B 440 -33.35 7.80 7.61
C ASP B 440 -32.61 6.88 8.60
N PHE B 441 -31.82 7.48 9.49
CA PHE B 441 -31.11 6.70 10.53
C PHE B 441 -32.05 6.11 11.58
N ARG B 442 -33.11 6.84 11.96
CA ARG B 442 -34.21 6.28 12.80
C ARG B 442 -34.80 5.02 12.19
N ARG B 443 -34.90 5.01 10.87
CA ARG B 443 -35.43 3.86 10.14
C ARG B 443 -34.41 2.72 10.05
N VAL B 444 -33.14 3.07 9.95
CA VAL B 444 -32.03 2.11 10.05
C VAL B 444 -32.11 1.40 11.40
N VAL B 445 -32.19 2.20 12.47
CA VAL B 445 -32.30 1.68 13.85
C VAL B 445 -33.52 0.76 13.98
N ASP B 446 -34.60 1.12 13.29
CA ASP B 446 -35.83 0.34 13.24
C ASP B 446 -35.59 -1.03 12.60
N PHE B 447 -34.91 -1.04 11.45
CA PHE B 447 -34.53 -2.29 10.79
C PHE B 447 -33.58 -3.13 11.66
N ILE B 448 -32.64 -2.47 12.34
CA ILE B 448 -31.72 -3.16 13.27
C ILE B 448 -32.52 -3.87 14.36
N ASP B 449 -33.41 -3.12 15.02
CA ASP B 449 -34.27 -3.66 16.09
C ASP B 449 -35.01 -4.94 15.68
N GLU B 450 -35.48 -5.03 14.44
CA GLU B 450 -36.11 -6.27 13.95
C GLU B 450 -35.15 -7.45 13.93
N GLY B 451 -33.90 -7.20 13.49
CA GLY B 451 -32.87 -8.24 13.46
C GLY B 451 -32.50 -8.71 14.86
N VAL B 452 -32.26 -7.75 15.75
CA VAL B 452 -32.01 -8.05 17.16
C VAL B 452 -33.12 -8.97 17.69
N ASN B 453 -34.38 -8.55 17.50
CA ASN B 453 -35.56 -9.31 17.99
C ASN B 453 -35.71 -10.72 17.41
N ILE B 454 -35.34 -10.92 16.15
CA ILE B 454 -35.20 -12.26 15.57
C ILE B 454 -34.09 -13.01 16.32
N GLY B 455 -32.96 -12.33 16.51
CA GLY B 455 -31.82 -12.89 17.25
C GLY B 455 -32.17 -13.34 18.65
N LEU B 456 -32.88 -12.48 19.41
CA LEU B 456 -33.37 -12.84 20.75
C LEU B 456 -34.29 -14.07 20.69
N GLU B 457 -35.18 -14.10 19.70
CA GLU B 457 -36.08 -15.24 19.55
C GLU B 457 -35.34 -16.53 19.18
N VAL B 458 -34.32 -16.43 18.32
CA VAL B 458 -33.52 -17.60 17.93
C VAL B 458 -32.57 -18.09 19.04
N LYS B 459 -32.08 -17.18 19.89
CA LYS B 459 -31.25 -17.52 21.07
C LYS B 459 -31.96 -18.44 22.07
N SER B 460 -33.24 -18.17 22.36
CA SER B 460 -34.02 -19.01 23.28
C SER B 460 -34.45 -20.37 22.68
N LYS B 461 -34.41 -20.49 21.35
CA LYS B 461 -34.65 -21.77 20.65
C LYS B 461 -33.35 -22.43 20.14
N THR B 462 -32.20 -22.01 20.71
CA THR B 462 -30.89 -22.60 20.41
C THR B 462 -30.01 -22.60 21.67
N ALA B 463 -28.87 -23.30 21.61
CA ALA B 463 -27.92 -23.38 22.73
C ALA B 463 -26.62 -22.65 22.39
N LYS B 464 -25.80 -23.25 21.52
CA LYS B 464 -24.46 -22.75 21.22
C LYS B 464 -24.54 -21.61 20.18
N LEU B 465 -23.40 -21.03 19.84
CA LEU B 465 -23.32 -20.00 18.79
C LEU B 465 -23.37 -20.58 17.38
N GLN B 466 -22.77 -21.75 17.13
CA GLN B 466 -22.89 -22.40 15.81
C GLN B 466 -24.32 -22.94 15.60
N ASP B 467 -24.98 -23.33 16.69
CA ASP B 467 -26.43 -23.68 16.69
C ASP B 467 -27.29 -22.49 16.26
N PHE B 468 -26.94 -21.32 16.77
CA PHE B 468 -27.60 -20.07 16.43
C PHE B 468 -27.56 -19.82 14.94
N LYS B 469 -26.38 -19.89 14.35
CA LYS B 469 -26.16 -19.58 12.94
C LYS B 469 -26.77 -20.59 11.96
N SER B 470 -26.90 -21.86 12.38
CA SER B 470 -27.50 -22.90 11.53
C SER B 470 -29.04 -22.82 11.53
N PHE B 471 -29.60 -22.41 12.68
CA PHE B 471 -31.04 -22.12 12.83
C PHE B 471 -31.51 -20.99 11.90
N LEU B 472 -30.67 -19.96 11.77
CA LEU B 472 -30.92 -18.83 10.87
C LEU B 472 -31.00 -19.23 9.38
N LEU B 473 -30.32 -20.32 9.03
CA LEU B 473 -30.30 -20.80 7.66
C LEU B 473 -31.35 -21.88 7.36
N LYS B 474 -31.71 -22.70 8.35
CA LYS B 474 -32.53 -23.91 8.07
C LYS B 474 -33.99 -23.96 8.57
N ASP B 475 -34.34 -23.19 9.61
CA ASP B 475 -35.74 -23.06 10.03
C ASP B 475 -36.45 -22.19 9.01
N SER B 476 -37.51 -22.71 8.38
CA SER B 476 -38.22 -21.99 7.31
C SER B 476 -38.90 -20.71 7.78
N GLU B 477 -39.46 -20.75 8.99
CA GLU B 477 -40.09 -19.59 9.62
C GLU B 477 -39.09 -18.45 9.93
N THR B 478 -37.85 -18.82 10.29
CA THR B 478 -36.77 -17.83 10.49
C THR B 478 -36.20 -17.33 9.15
N SER B 479 -35.98 -18.26 8.21
CA SER B 479 -35.54 -17.92 6.83
C SER B 479 -36.42 -16.88 6.18
N GLN B 480 -37.73 -17.11 6.23
CA GLN B 480 -38.71 -16.26 5.57
C GLN B 480 -38.79 -14.86 6.19
N ARG B 481 -38.78 -14.79 7.52
CA ARG B 481 -38.72 -13.51 8.23
C ARG B 481 -37.44 -12.75 7.87
N LEU B 482 -36.33 -13.48 7.70
CA LEU B 482 -35.05 -12.90 7.26
C LEU B 482 -35.07 -12.44 5.79
N ALA B 483 -35.57 -13.30 4.89
CA ALA B 483 -35.75 -12.92 3.47
C ALA B 483 -36.68 -11.71 3.29
N ASN B 484 -37.70 -11.60 4.13
CA ASN B 484 -38.65 -10.46 4.17
C ASN B 484 -37.95 -9.16 4.58
N LEU B 485 -37.30 -9.18 5.76
CA LEU B 485 -36.56 -8.02 6.31
C LEU B 485 -35.45 -7.56 5.35
N ARG B 486 -34.73 -8.53 4.77
CA ARG B 486 -33.71 -8.26 3.75
C ARG B 486 -34.29 -7.47 2.59
N GLN B 487 -35.39 -7.99 2.03
CA GLN B 487 -36.02 -7.38 0.86
C GLN B 487 -36.44 -5.94 1.18
N ARG B 488 -37.01 -5.74 2.35
CA ARG B 488 -37.42 -4.40 2.78
C ARG B 488 -36.23 -3.47 3.00
N VAL B 489 -35.12 -4.00 3.52
CA VAL B 489 -33.87 -3.22 3.71
C VAL B 489 -33.24 -2.82 2.37
N GLU B 490 -33.12 -3.78 1.46
CA GLU B 490 -32.55 -3.50 0.13
C GLU B 490 -33.37 -2.50 -0.69
N GLN B 491 -34.69 -2.61 -0.61
CA GLN B 491 -35.60 -1.67 -1.29
C GLN B 491 -35.41 -0.26 -0.73
N PHE B 492 -35.35 -0.14 0.59
CA PHE B 492 -35.10 1.15 1.28
C PHE B 492 -33.75 1.76 0.89
N ALA B 493 -32.72 0.92 0.87
CA ALA B 493 -31.34 1.37 0.62
C ALA B 493 -31.13 1.78 -0.84
N ARG B 494 -31.52 0.91 -1.77
CA ARG B 494 -31.35 1.16 -3.22
C ARG B 494 -31.76 2.54 -3.69
N ALA B 495 -32.82 3.08 -3.11
CA ALA B 495 -33.37 4.38 -3.53
C ALA B 495 -32.48 5.59 -3.24
N PHE B 496 -31.46 5.45 -2.39
CA PHE B 496 -30.55 6.57 -2.10
C PHE B 496 -29.41 6.69 -3.11
N PRO B 497 -28.90 7.91 -3.35
CA PRO B 497 -27.77 8.07 -4.26
C PRO B 497 -26.47 7.48 -3.68
N MET B 498 -25.48 7.28 -4.55
CA MET B 498 -24.25 6.57 -4.21
C MET B 498 -23.09 7.28 -4.90
N PRO B 499 -22.05 7.67 -4.15
CA PRO B 499 -20.90 8.23 -4.85
C PRO B 499 -20.16 7.20 -5.73
N GLY B 500 -19.49 7.69 -6.76
CA GLY B 500 -18.64 6.87 -7.61
C GLY B 500 -19.17 6.71 -9.01
N PHE B 501 -18.77 5.63 -9.66
CA PHE B 501 -19.25 5.33 -10.99
C PHE B 501 -20.60 4.69 -10.85
N ASP B 502 -21.38 4.69 -11.93
CA ASP B 502 -22.74 4.17 -11.90
C ASP B 502 -22.73 2.66 -11.66
N GLU B 503 -21.80 1.98 -12.35
CA GLU B 503 -21.85 0.53 -12.55
C GLU B 503 -20.60 -0.26 -12.10
N HIS B 504 -19.62 0.41 -11.49
CA HIS B 504 -18.44 -0.29 -10.93
C HIS B 504 -17.70 0.57 -9.89
#